data_8WNF
#
_entry.id   8WNF
#
_cell.length_a   52.623
_cell.length_b   52.776
_cell.length_c   103.254
_cell.angle_alpha   92.58
_cell.angle_beta   97.77
_cell.angle_gamma   103.71
#
_symmetry.space_group_name_H-M   'P 1'
#
loop_
_entity.id
_entity.type
_entity.pdbx_description
1 polymer 'Isoleucine--tRNA ligase'
2 non-polymer GLYCEROL
3 non-polymer 'ZINC ION'
4 non-polymer 'ACETATE ION'
5 water water
#
_entity_poly.entity_id   1
_entity_poly.type   'polypeptide(L)'
_entity_poly.pdbx_seq_one_letter_code
;(MSE)EEYKDTLNLNTTTFS(MSE)KGNLSVNEPKTYAKWQEQQAFKR(MSE)QARKDNHGDFTLHDGPPYANGHLHLGH
ALNKILKDIVVKREYFKGKKIYYTPGWDCHGLPIEQQILERLEKEKTSLENPTLFREKCRDHAKKFLEIQKNEFLQLGVL
GDFEDPYKT(MSE)DFKFEASIYRALVEVAKKGLLKERHKPIYWSYACESALAEAEVEYK(MSE)KKSPSIFVAFGLKKE
SLEKLKVKKASLVIWTTTPWTLYANVAIALKKDAVYALTQKGYLVAKALHEKLAALGVVDNEITHEFNSNDLEYLVATNP
LNQRDSLVALGEHVGLEDGTGAVHTAPGHGEEDYYLGLRYNLEVL(MSE)SVDEKGCYDEGIIHNQLLDESYLGEHVFKA
QKRIIEQLGDSLLLEQEIEHSYPHCWRTHKPVIYRATTQWFIL(MSE)DEPFIQNDGSQKTLREVALDAIEKVEFVPSSG
KNRLKT(MSE)IENRPDWCLSRQRKWGVPLAFFIDKRTNKPCFESEVLEHVANLFEKKGCDVWWEYSVKDLLPPSYQEDA
KHYEKI(MSE)HILDVWFDSGSTFKAVLEDYHGEKGQSPSDVILEGSDQHRGWFQSSLLIGCVLNNQAPFKKVITHGFIV
DEKGEK(MSE)SKSKGNVVSLDKLLKTHGSDVVRLWVAFNDYQNDLRVSQTFFTQTEQHYKKFRNTLKFLLANFSD
(MSE)DLKNLERPHNFSPLDHF(MSE)LETLETISAGVNSAFEEHDFVKGLNIL(MSE)AFVTNELSGIYLDACKDSLYC
DSKNNEKRQAIQ(MSE)VLLATASKLCYFLAPILTHTIEEVLEHSQALRIFLQAKDVFDLKDISVSEKLHLKEFKKPENF
EAVLALRSAFNEELDRLKKEGVIKNSLECAIEVKEKALDENLVEELL(MSE)VSFVGIAKEKLSETPAFTLFKAPFYKCP
RCWRFKSELENTPCKRCEQVLKER
;
_entity_poly.pdbx_strand_id   A
#
loop_
_chem_comp.id
_chem_comp.type
_chem_comp.name
_chem_comp.formula
ACT non-polymer 'ACETATE ION' 'C2 H3 O2 -1'
GOL non-polymer GLYCEROL 'C3 H8 O3'
ZN non-polymer 'ZINC ION' 'Zn 2'
#
# COMPACT_ATOMS: atom_id res chain seq x y z
N GLU A 3 24.63 -15.99 53.15
CA GLU A 3 24.12 -16.04 51.75
C GLU A 3 25.02 -16.93 50.88
N TYR A 4 24.32 -17.74 50.08
CA TYR A 4 24.89 -18.76 49.22
C TYR A 4 24.73 -18.32 47.77
N LYS A 5 24.37 -17.05 47.56
CA LYS A 5 24.03 -16.57 46.23
C LYS A 5 25.18 -16.85 45.26
N ASP A 6 26.43 -16.72 45.72
CA ASP A 6 27.57 -16.85 44.84
C ASP A 6 27.98 -18.31 44.61
N THR A 7 27.26 -19.26 45.22
CA THR A 7 27.47 -20.68 44.96
C THR A 7 26.50 -21.20 43.90
N LEU A 8 25.54 -20.37 43.46
CA LEU A 8 24.63 -20.77 42.40
C LEU A 8 25.37 -20.75 41.05
N ASN A 9 24.78 -21.38 40.01
CA ASN A 9 25.27 -21.17 38.65
C ASN A 9 25.08 -19.70 38.29
N LEU A 10 26.10 -19.08 37.66
CA LEU A 10 25.99 -17.67 37.32
C LEU A 10 24.89 -17.43 36.27
N ASN A 11 24.85 -18.26 35.20
CA ASN A 11 23.87 -18.12 34.12
C ASN A 11 23.67 -16.69 33.66
N THR A 12 24.73 -16.07 33.10
CA THR A 12 24.55 -14.74 32.52
C THR A 12 25.01 -14.78 31.07
N THR A 13 24.58 -13.77 30.29
CA THR A 13 24.97 -13.62 28.90
C THR A 13 25.39 -12.17 28.71
N THR A 14 26.23 -11.91 27.71
CA THR A 14 26.62 -10.56 27.35
C THR A 14 25.49 -9.83 26.62
N PHE A 15 24.51 -10.61 26.10
CA PHE A 15 23.37 -10.01 25.42
C PHE A 15 22.58 -9.16 26.42
N SER A 16 22.44 -7.85 26.11
CA SER A 16 21.93 -6.90 27.09
C SER A 16 20.42 -6.87 27.08
N MSE A 17 19.82 -6.58 28.24
CA MSE A 17 18.38 -6.41 28.29
C MSE A 17 17.99 -5.12 27.57
O MSE A 17 16.98 -5.06 26.88
CB MSE A 17 17.97 -6.30 29.74
CG MSE A 17 16.51 -6.11 29.91
SE MSE A 17 16.40 -5.97 31.87
CE MSE A 17 17.55 -4.51 32.50
N LYS A 18 18.81 -4.07 27.68
CA LYS A 18 18.51 -2.82 27.00
C LYS A 18 18.92 -2.93 25.53
N GLY A 19 18.05 -2.49 24.63
CA GLY A 19 18.35 -2.61 23.19
C GLY A 19 19.36 -1.58 22.69
N ASN A 20 19.37 -0.39 23.32
CA ASN A 20 20.19 0.73 22.86
C ASN A 20 20.06 0.86 21.33
N LEU A 21 18.82 0.85 20.84
CA LEU A 21 18.59 0.66 19.41
C LEU A 21 19.18 1.82 18.59
N SER A 22 19.04 3.06 19.08
CA SER A 22 19.50 4.27 18.40
C SER A 22 20.96 4.17 18.02
N VAL A 23 21.74 3.53 18.90
CA VAL A 23 23.19 3.41 18.78
C VAL A 23 23.55 2.16 17.99
N ASN A 24 22.93 1.02 18.35
CA ASN A 24 23.34 -0.28 17.80
C ASN A 24 22.82 -0.49 16.37
N GLU A 25 21.58 -0.07 16.07
CA GLU A 25 21.00 -0.42 14.77
C GLU A 25 21.82 0.19 13.62
N PRO A 26 22.20 1.48 13.64
CA PRO A 26 23.00 2.07 12.56
C PRO A 26 24.25 1.24 12.28
N LYS A 27 24.86 0.67 13.32
CA LYS A 27 26.04 -0.16 13.11
C LYS A 27 25.72 -1.43 12.33
N THR A 28 24.66 -2.14 12.74
CA THR A 28 24.23 -3.32 11.99
C THR A 28 23.95 -2.95 10.53
N TYR A 29 23.17 -1.88 10.29
CA TYR A 29 22.75 -1.61 8.92
C TYR A 29 23.93 -1.16 8.06
N ALA A 30 24.86 -0.42 8.70
CA ALA A 30 26.08 -0.01 8.01
C ALA A 30 26.90 -1.24 7.65
N LYS A 31 26.95 -2.23 8.54
CA LYS A 31 27.66 -3.46 8.24
C LYS A 31 27.06 -4.22 7.06
N TRP A 32 25.72 -4.36 7.06
CA TRP A 32 25.04 -5.05 5.95
C TRP A 32 25.34 -4.37 4.60
N GLN A 33 25.48 -3.03 4.62
CA GLN A 33 25.80 -2.34 3.37
C GLN A 33 27.25 -2.65 2.94
N GLU A 34 28.21 -2.48 3.88
CA GLU A 34 29.63 -2.65 3.61
C GLU A 34 29.87 -4.07 3.13
N GLN A 35 29.22 -5.06 3.78
CA GLN A 35 29.43 -6.47 3.48
C GLN A 35 28.54 -6.98 2.36
N GLN A 36 27.71 -6.13 1.74
CA GLN A 36 26.84 -6.58 0.66
C GLN A 36 25.98 -7.80 1.02
N ALA A 37 25.21 -7.67 2.12
CA ALA A 37 24.39 -8.77 2.63
C ALA A 37 23.35 -9.21 1.58
N PHE A 38 22.71 -8.26 0.87
CA PHE A 38 21.69 -8.65 -0.11
C PHE A 38 22.31 -9.48 -1.25
N LYS A 39 23.51 -9.11 -1.73
CA LYS A 39 24.16 -9.87 -2.78
C LYS A 39 24.54 -11.24 -2.23
N ARG A 40 24.96 -11.27 -0.96
CA ARG A 40 25.28 -12.53 -0.32
C ARG A 40 24.04 -13.42 -0.21
N MSE A 41 22.88 -12.82 0.03
CA MSE A 41 21.64 -13.59 0.11
C MSE A 41 21.32 -14.25 -1.24
O MSE A 41 20.92 -15.42 -1.32
CB MSE A 41 20.50 -12.67 0.56
CG MSE A 41 20.61 -12.28 2.02
SE MSE A 41 19.37 -10.79 2.44
CE MSE A 41 17.60 -11.45 1.99
N GLN A 42 21.46 -13.46 -2.31
CA GLN A 42 21.22 -13.93 -3.67
C GLN A 42 22.20 -15.01 -4.11
N ALA A 43 23.44 -14.94 -3.60
CA ALA A 43 24.50 -15.87 -3.98
C ALA A 43 24.47 -17.17 -3.17
N ARG A 44 23.65 -17.26 -2.11
CA ARG A 44 23.60 -18.44 -1.24
C ARG A 44 23.56 -19.72 -2.07
N LYS A 45 24.52 -20.63 -1.81
CA LYS A 45 24.74 -21.76 -2.71
C LYS A 45 23.55 -22.73 -2.67
N ASP A 46 22.91 -22.88 -1.53
CA ASP A 46 21.83 -23.85 -1.45
C ASP A 46 20.47 -23.23 -1.82
N ASN A 47 20.44 -22.03 -2.44
CA ASN A 47 19.14 -21.47 -2.85
C ASN A 47 18.30 -22.52 -3.56
N HIS A 48 17.01 -22.62 -3.22
CA HIS A 48 16.11 -23.57 -3.88
C HIS A 48 14.76 -22.92 -4.17
N GLY A 49 14.38 -22.81 -5.45
CA GLY A 49 13.17 -22.06 -5.81
C GLY A 49 13.51 -20.56 -5.88
N ASP A 50 12.59 -19.78 -6.46
CA ASP A 50 12.87 -18.35 -6.65
C ASP A 50 11.62 -17.58 -6.21
N PHE A 51 11.83 -16.33 -5.81
CA PHE A 51 10.73 -15.47 -5.38
C PHE A 51 11.04 -14.07 -5.88
N THR A 52 10.10 -13.50 -6.66
CA THR A 52 10.31 -12.14 -7.17
C THR A 52 9.27 -11.19 -6.54
N LEU A 53 9.74 -10.12 -5.88
CA LEU A 53 8.85 -9.02 -5.52
C LEU A 53 9.25 -7.84 -6.38
N HIS A 54 8.31 -7.32 -7.17
CA HIS A 54 8.60 -6.18 -8.03
C HIS A 54 8.18 -4.90 -7.33
N ASP A 55 9.16 -4.05 -7.00
CA ASP A 55 8.96 -2.79 -6.31
C ASP A 55 8.19 -1.83 -7.23
N GLY A 56 7.14 -1.22 -6.71
CA GLY A 56 6.53 -0.10 -7.41
C GLY A 56 7.30 1.18 -7.10
N PRO A 57 7.52 2.09 -8.09
CA PRO A 57 8.52 3.17 -7.93
C PRO A 57 8.00 4.42 -7.23
N PRO A 58 8.51 4.78 -6.04
CA PRO A 58 8.14 6.05 -5.39
C PRO A 58 8.76 7.19 -6.22
N TYR A 59 8.15 8.36 -6.15
CA TYR A 59 8.75 9.55 -6.77
C TYR A 59 10.11 9.90 -6.16
N ALA A 60 11.08 10.28 -7.02
CA ALA A 60 12.40 10.71 -6.60
C ALA A 60 12.31 12.19 -6.23
N ASN A 61 11.58 12.44 -5.14
CA ASN A 61 11.36 13.80 -4.68
C ASN A 61 11.08 13.74 -3.17
N GLY A 62 11.75 14.60 -2.39
CA GLY A 62 11.44 14.73 -0.98
C GLY A 62 12.07 13.62 -0.14
N HIS A 63 11.96 13.77 1.20
CA HIS A 63 12.44 12.79 2.17
C HIS A 63 11.35 11.73 2.34
N LEU A 64 11.68 10.58 2.92
CA LEU A 64 10.64 9.56 3.12
C LEU A 64 9.68 10.04 4.19
N HIS A 65 8.40 9.67 4.04
CA HIS A 65 7.45 9.83 5.13
C HIS A 65 7.09 8.45 5.70
N LEU A 66 6.22 8.44 6.71
CA LEU A 66 5.94 7.21 7.45
C LEU A 66 5.33 6.15 6.53
N GLY A 67 4.53 6.59 5.54
CA GLY A 67 3.89 5.69 4.58
C GLY A 67 4.93 4.93 3.73
N HIS A 68 6.03 5.61 3.35
CA HIS A 68 7.11 4.92 2.65
C HIS A 68 7.72 3.85 3.56
N ALA A 69 7.89 4.16 4.85
CA ALA A 69 8.53 3.19 5.76
C ALA A 69 7.64 1.97 5.93
N LEU A 70 6.34 2.20 6.14
CA LEU A 70 5.40 1.10 6.25
C LEU A 70 5.56 0.19 5.02
N ASN A 71 5.56 0.79 3.83
CA ASN A 71 5.57 0.03 2.60
C ASN A 71 6.83 -0.84 2.52
N LYS A 72 8.00 -0.23 2.75
CA LYS A 72 9.25 -0.93 2.56
C LYS A 72 9.48 -2.00 3.64
N ILE A 73 9.04 -1.72 4.87
CA ILE A 73 9.07 -2.68 5.97
C ILE A 73 8.22 -3.92 5.60
N LEU A 74 6.99 -3.75 5.14
CA LEU A 74 6.18 -4.92 4.78
C LEU A 74 6.87 -5.74 3.68
N LYS A 75 7.37 -5.06 2.64
CA LYS A 75 8.11 -5.72 1.57
C LYS A 75 9.24 -6.54 2.18
N ASP A 76 9.97 -5.91 3.11
CA ASP A 76 11.14 -6.53 3.70
C ASP A 76 10.76 -7.80 4.47
N ILE A 77 9.64 -7.75 5.21
CA ILE A 77 9.22 -8.93 5.96
C ILE A 77 8.88 -10.06 4.97
N VAL A 78 8.18 -9.70 3.88
CA VAL A 78 7.74 -10.69 2.89
C VAL A 78 8.96 -11.36 2.24
N VAL A 79 9.91 -10.52 1.84
CA VAL A 79 11.11 -10.97 1.13
C VAL A 79 11.99 -11.79 2.07
N LYS A 80 12.14 -11.33 3.32
CA LYS A 80 12.95 -12.09 4.28
C LYS A 80 12.30 -13.44 4.59
N ARG A 81 10.99 -13.47 4.71
CA ARG A 81 10.35 -14.77 4.94
C ARG A 81 10.74 -15.75 3.84
N GLU A 82 10.65 -15.29 2.58
CA GLU A 82 10.93 -16.16 1.45
C GLU A 82 12.41 -16.57 1.44
N TYR A 83 13.31 -15.64 1.76
CA TYR A 83 14.73 -15.94 1.85
C TYR A 83 14.98 -17.05 2.89
N PHE A 84 14.39 -16.88 4.09
CA PHE A 84 14.62 -17.84 5.16
C PHE A 84 13.97 -19.19 4.85
N LYS A 85 12.90 -19.20 4.04
CA LYS A 85 12.36 -20.47 3.52
C LYS A 85 13.33 -21.18 2.58
N GLY A 86 14.32 -20.46 2.03
CA GLY A 86 15.40 -21.08 1.28
C GLY A 86 15.41 -20.66 -0.20
N LYS A 87 14.64 -19.64 -0.56
CA LYS A 87 14.49 -19.26 -1.98
C LYS A 87 15.60 -18.27 -2.38
N LYS A 88 15.96 -18.28 -3.67
CA LYS A 88 16.68 -17.15 -4.24
C LYS A 88 15.69 -16.00 -4.40
N ILE A 89 16.09 -14.82 -3.90
CA ILE A 89 15.19 -13.68 -3.88
C ILE A 89 15.60 -12.73 -5.00
N TYR A 90 14.60 -12.09 -5.63
CA TYR A 90 14.80 -10.99 -6.57
C TYR A 90 14.00 -9.79 -6.05
N TYR A 91 14.71 -8.69 -5.76
CA TYR A 91 14.03 -7.51 -5.23
C TYR A 91 14.88 -6.29 -5.54
N THR A 92 14.62 -5.67 -6.70
CA THR A 92 15.31 -4.46 -7.13
C THR A 92 14.35 -3.29 -6.86
N PRO A 93 14.69 -2.40 -5.89
CA PRO A 93 13.91 -1.22 -5.56
C PRO A 93 14.10 -0.26 -6.73
N GLY A 94 13.13 0.60 -6.97
CA GLY A 94 13.26 1.57 -8.07
C GLY A 94 12.62 2.91 -7.74
N TRP A 95 12.91 3.92 -8.58
CA TRP A 95 12.40 5.28 -8.38
C TRP A 95 11.83 5.82 -9.69
N ASP A 96 10.71 6.54 -9.53
CA ASP A 96 10.06 7.25 -10.63
C ASP A 96 10.73 8.63 -10.70
N CYS A 97 11.53 8.85 -11.75
CA CYS A 97 12.31 10.07 -11.83
C CYS A 97 11.58 11.09 -12.70
N HIS A 98 10.50 10.72 -13.41
CA HIS A 98 9.86 11.67 -14.35
C HIS A 98 8.54 12.21 -13.80
N GLY A 99 8.20 11.82 -12.59
CA GLY A 99 6.94 12.15 -11.99
C GLY A 99 6.68 13.66 -11.90
N LEU A 100 5.38 13.99 -11.86
CA LEU A 100 4.89 15.36 -11.92
C LEU A 100 5.45 16.12 -10.73
N PRO A 101 5.64 15.49 -9.54
CA PRO A 101 6.21 16.20 -8.37
C PRO A 101 7.58 16.77 -8.62
N ILE A 102 8.37 16.08 -9.46
CA ILE A 102 9.72 16.53 -9.72
C ILE A 102 9.63 17.85 -10.47
N GLU A 103 8.87 17.87 -11.57
CA GLU A 103 8.74 19.07 -12.40
C GLU A 103 8.02 20.19 -11.62
N GLN A 104 6.96 19.83 -10.86
CA GLN A 104 6.19 20.85 -10.12
C GLN A 104 7.07 21.58 -9.08
N GLN A 105 7.90 20.81 -8.36
CA GLN A 105 8.84 21.33 -7.39
C GLN A 105 9.80 22.33 -8.02
N ILE A 106 10.38 21.97 -9.19
CA ILE A 106 11.32 22.83 -9.89
C ILE A 106 10.62 24.14 -10.29
N LEU A 107 9.43 24.02 -10.86
CA LEU A 107 8.65 25.19 -11.28
C LEU A 107 8.32 26.10 -10.10
N GLU A 108 7.88 25.52 -8.97
CA GLU A 108 7.60 26.30 -7.77
C GLU A 108 8.83 27.05 -7.27
N ARG A 109 10.01 26.39 -7.33
CA ARG A 109 11.25 27.02 -6.91
C ARG A 109 11.56 28.21 -7.81
N LEU A 110 11.47 27.98 -9.12
CA LEU A 110 11.77 29.06 -10.11
C LEU A 110 10.82 30.25 -9.86
N GLU A 111 9.54 29.97 -9.65
CA GLU A 111 8.54 31.04 -9.39
C GLU A 111 8.92 31.78 -8.10
N LYS A 112 9.33 31.03 -7.07
CA LYS A 112 9.76 31.57 -5.75
C LYS A 112 11.01 32.43 -5.94
N GLU A 113 11.90 32.03 -6.85
CA GLU A 113 13.18 32.73 -7.16
C GLU A 113 12.99 33.83 -8.19
N LYS A 114 11.73 34.09 -8.60
CA LYS A 114 11.39 35.15 -9.60
C LYS A 114 12.15 34.90 -10.90
N THR A 115 12.04 33.69 -11.45
CA THR A 115 12.71 33.35 -12.74
C THR A 115 12.01 32.16 -13.41
N SER A 116 12.46 31.84 -14.62
CA SER A 116 11.92 30.71 -15.41
C SER A 116 13.05 30.07 -16.22
N LEU A 117 12.88 28.83 -16.65
CA LEU A 117 13.89 28.13 -17.49
C LEU A 117 13.18 27.62 -18.74
N GLU A 118 13.47 28.22 -19.90
CA GLU A 118 12.75 27.90 -21.13
C GLU A 118 13.54 26.98 -22.06
N ASN A 119 14.73 26.56 -21.66
CA ASN A 119 15.53 25.70 -22.53
C ASN A 119 15.23 24.23 -22.18
N PRO A 120 14.67 23.43 -23.12
CA PRO A 120 14.22 22.06 -22.81
C PRO A 120 15.31 21.16 -22.25
N THR A 121 16.48 21.12 -22.92
CA THR A 121 17.57 20.27 -22.48
C THR A 121 18.02 20.65 -21.08
N LEU A 122 18.09 21.97 -20.81
CA LEU A 122 18.60 22.40 -19.51
C LEU A 122 17.51 22.20 -18.44
N PHE A 123 16.24 22.40 -18.80
CA PHE A 123 15.19 22.13 -17.83
C PHE A 123 15.18 20.64 -17.47
N ARG A 124 15.29 19.78 -18.48
CA ARG A 124 15.32 18.34 -18.28
C ARG A 124 16.50 17.97 -17.39
N GLU A 125 17.67 18.60 -17.63
CA GLU A 125 18.85 18.39 -16.79
C GLU A 125 18.56 18.73 -15.31
N LYS A 126 17.93 19.89 -15.03
CA LYS A 126 17.61 20.28 -13.65
C LYS A 126 16.68 19.25 -13.00
N CYS A 127 15.70 18.75 -13.77
CA CYS A 127 14.80 17.71 -13.24
C CYS A 127 15.57 16.44 -12.90
N ARG A 128 16.45 16.03 -13.80
CA ARG A 128 17.30 14.83 -13.57
C ARG A 128 18.15 15.04 -12.31
N ASP A 129 18.73 16.24 -12.17
CA ASP A 129 19.59 16.52 -11.03
C ASP A 129 18.81 16.39 -9.72
N HIS A 130 17.57 16.90 -9.74
CA HIS A 130 16.68 16.84 -8.61
C HIS A 130 16.37 15.38 -8.26
N ALA A 131 16.10 14.54 -9.29
CA ALA A 131 15.76 13.14 -9.07
C ALA A 131 16.96 12.40 -8.49
N LYS A 132 18.16 12.64 -9.05
CA LYS A 132 19.41 12.08 -8.53
C LYS A 132 19.57 12.39 -7.05
N LYS A 133 19.37 13.67 -6.66
CA LYS A 133 19.55 14.11 -5.28
C LYS A 133 18.62 13.34 -4.31
N PHE A 134 17.33 13.28 -4.65
CA PHE A 134 16.33 12.70 -3.75
C PHE A 134 16.31 11.17 -3.80
N LEU A 135 16.75 10.59 -4.91
CA LEU A 135 16.92 9.14 -4.96
C LEU A 135 17.97 8.71 -3.93
N GLU A 136 19.09 9.44 -3.88
CA GLU A 136 20.15 9.09 -2.91
C GLU A 136 19.66 9.26 -1.49
N ILE A 137 18.98 10.37 -1.23
CA ILE A 137 18.47 10.65 0.11
C ILE A 137 17.52 9.53 0.53
N GLN A 138 16.58 9.19 -0.35
CA GLN A 138 15.58 8.17 -0.03
C GLN A 138 16.22 6.79 0.12
N LYS A 139 17.16 6.47 -0.76
CA LYS A 139 17.87 5.20 -0.66
C LYS A 139 18.49 5.01 0.75
N ASN A 140 19.15 6.07 1.24
CA ASN A 140 19.83 5.95 2.52
C ASN A 140 18.81 5.88 3.64
N GLU A 141 17.71 6.63 3.52
CA GLU A 141 16.65 6.57 4.52
C GLU A 141 16.02 5.17 4.59
N PHE A 142 15.85 4.51 3.43
CA PHE A 142 15.26 3.18 3.39
C PHE A 142 16.21 2.21 4.10
N LEU A 143 17.54 2.37 3.89
CA LEU A 143 18.47 1.43 4.48
C LEU A 143 18.42 1.56 6.01
N GLN A 144 18.09 2.77 6.47
CA GLN A 144 18.05 3.01 7.91
C GLN A 144 16.85 2.32 8.57
N LEU A 145 16.00 1.68 7.76
CA LEU A 145 14.89 0.88 8.28
C LEU A 145 15.27 -0.58 8.42
N GLY A 146 16.49 -0.94 7.98
CA GLY A 146 16.97 -2.31 8.09
C GLY A 146 16.49 -3.22 6.96
N VAL A 147 15.99 -2.61 5.87
CA VAL A 147 15.50 -3.37 4.73
C VAL A 147 16.68 -3.83 3.86
N LEU A 148 16.50 -4.99 3.20
CA LEU A 148 17.50 -5.53 2.31
C LEU A 148 16.90 -5.75 0.90
N GLY A 149 17.59 -5.21 -0.10
CA GLY A 149 17.22 -5.31 -1.50
C GLY A 149 18.39 -4.79 -2.33
N ASP A 150 18.26 -4.77 -3.66
CA ASP A 150 19.39 -4.34 -4.50
C ASP A 150 19.49 -2.80 -4.55
N PHE A 151 19.65 -2.15 -3.38
CA PHE A 151 19.60 -0.70 -3.27
C PHE A 151 20.85 -0.05 -3.89
N GLU A 152 21.92 -0.82 -4.12
CA GLU A 152 23.08 -0.27 -4.81
C GLU A 152 22.91 -0.30 -6.34
N ASP A 153 21.92 -1.05 -6.85
CA ASP A 153 21.66 -1.13 -8.27
C ASP A 153 20.16 -1.00 -8.49
N PRO A 154 19.53 0.11 -8.01
CA PRO A 154 18.07 0.29 -8.08
C PRO A 154 17.71 0.53 -9.54
N TYR A 155 16.46 0.29 -9.91
CA TYR A 155 16.11 0.74 -11.25
C TYR A 155 15.73 2.21 -11.22
N LYS A 156 15.89 2.92 -12.35
CA LYS A 156 15.63 4.37 -12.37
C LYS A 156 14.99 4.73 -13.71
N THR A 157 13.79 5.34 -13.71
CA THR A 157 13.11 5.56 -14.98
C THR A 157 13.93 6.50 -15.86
N MSE A 158 14.80 7.33 -15.26
CA MSE A 158 15.60 8.29 -16.04
C MSE A 158 16.84 7.65 -16.66
O MSE A 158 17.52 8.31 -17.47
CB MSE A 158 16.07 9.45 -15.16
CG MSE A 158 17.17 9.07 -14.21
SE MSE A 158 17.49 10.59 -13.00
CE MSE A 158 18.33 9.68 -11.49
N ASP A 159 17.16 6.39 -16.34
CA ASP A 159 18.24 5.75 -17.09
C ASP A 159 17.86 5.67 -18.55
N PHE A 160 18.85 5.84 -19.45
CA PHE A 160 18.54 5.87 -20.89
C PHE A 160 17.91 4.54 -21.32
N LYS A 161 18.45 3.43 -20.79
CA LYS A 161 17.90 2.13 -21.12
C LYS A 161 16.43 2.03 -20.71
N PHE A 162 16.10 2.65 -19.59
CA PHE A 162 14.74 2.58 -19.06
C PHE A 162 13.79 3.40 -19.93
N GLU A 163 14.22 4.60 -20.33
CA GLU A 163 13.45 5.42 -21.26
C GLU A 163 13.19 4.68 -22.56
N ALA A 164 14.19 3.94 -23.06
CA ALA A 164 13.99 3.15 -24.26
C ALA A 164 12.97 2.03 -24.02
N SER A 165 13.02 1.40 -22.83
CA SER A 165 12.08 0.33 -22.49
C SER A 165 10.65 0.86 -22.46
N ILE A 166 10.48 2.06 -21.89
CA ILE A 166 9.17 2.70 -21.88
C ILE A 166 8.69 2.93 -23.31
N TYR A 167 9.54 3.56 -24.12
CA TYR A 167 9.21 3.78 -25.53
C TYR A 167 8.88 2.47 -26.24
N ARG A 168 9.69 1.43 -26.04
CA ARG A 168 9.39 0.15 -26.67
C ARG A 168 8.06 -0.43 -26.17
N ALA A 169 7.69 -0.17 -24.93
CA ALA A 169 6.36 -0.60 -24.51
C ALA A 169 5.27 0.16 -25.28
N LEU A 170 5.44 1.48 -25.42
CA LEU A 170 4.50 2.26 -26.21
C LEU A 170 4.42 1.75 -27.66
N VAL A 171 5.57 1.38 -28.26
CA VAL A 171 5.58 0.85 -29.62
C VAL A 171 4.70 -0.40 -29.68
N GLU A 172 4.78 -1.27 -28.65
CA GLU A 172 3.98 -2.49 -28.70
C GLU A 172 2.48 -2.14 -28.72
N VAL A 173 2.09 -1.14 -27.92
CA VAL A 173 0.69 -0.72 -27.90
C VAL A 173 0.29 -0.22 -29.30
N ALA A 174 1.13 0.64 -29.90
CA ALA A 174 0.82 1.21 -31.20
C ALA A 174 0.67 0.12 -32.26
N LYS A 175 1.60 -0.82 -32.29
CA LYS A 175 1.54 -1.86 -33.33
C LYS A 175 0.36 -2.81 -33.13
N LYS A 176 -0.23 -2.86 -31.92
CA LYS A 176 -1.43 -3.68 -31.73
C LYS A 176 -2.70 -2.89 -32.00
N GLY A 177 -2.58 -1.64 -32.46
CA GLY A 177 -3.75 -0.92 -32.95
C GLY A 177 -4.55 -0.23 -31.82
N LEU A 178 -3.94 -0.08 -30.62
CA LEU A 178 -4.71 0.44 -29.50
C LEU A 178 -4.38 1.90 -29.23
N LEU A 179 -3.37 2.46 -29.93
CA LEU A 179 -2.99 3.85 -29.69
C LEU A 179 -3.58 4.72 -30.81
N LYS A 180 -4.51 5.61 -30.46
CA LYS A 180 -5.20 6.39 -31.50
C LYS A 180 -5.46 7.82 -31.02
N GLU A 181 -5.43 8.77 -31.97
CA GLU A 181 -5.74 10.17 -31.69
C GLU A 181 -7.25 10.31 -31.61
N ARG A 182 -7.77 11.04 -30.60
CA ARG A 182 -9.19 11.33 -30.55
C ARG A 182 -9.37 12.83 -30.22
N HIS A 183 -10.49 13.42 -30.69
CA HIS A 183 -10.83 14.79 -30.33
C HIS A 183 -12.13 14.73 -29.55
N LYS A 184 -12.11 15.19 -28.29
CA LYS A 184 -13.28 15.21 -27.41
C LYS A 184 -12.92 15.99 -26.16
N PRO A 185 -13.93 16.49 -25.39
CA PRO A 185 -13.69 17.14 -24.09
C PRO A 185 -13.07 16.12 -23.15
N ILE A 186 -11.99 16.54 -22.48
CA ILE A 186 -11.40 15.72 -21.42
C ILE A 186 -11.00 16.65 -20.26
N TYR A 187 -10.61 16.05 -19.13
CA TYR A 187 -10.02 16.80 -18.01
C TYR A 187 -8.87 17.66 -18.52
N TRP A 188 -8.89 18.94 -18.10
CA TRP A 188 -7.88 19.91 -18.49
C TRP A 188 -7.45 20.72 -17.27
N SER A 189 -6.15 20.60 -16.94
CA SER A 189 -5.64 21.44 -15.86
C SER A 189 -5.16 22.77 -16.44
N TYR A 190 -5.88 23.87 -16.14
CA TYR A 190 -5.44 25.17 -16.64
C TYR A 190 -4.18 25.61 -15.90
N ALA A 191 -4.04 25.18 -14.65
CA ALA A 191 -2.93 25.60 -13.81
C ALA A 191 -1.60 25.13 -14.39
N CYS A 192 -1.58 23.94 -15.04
CA CYS A 192 -0.34 23.50 -15.65
C CYS A 192 -0.48 23.37 -17.16
N GLU A 193 -1.54 23.95 -17.74
CA GLU A 193 -1.81 23.89 -19.17
C GLU A 193 -1.58 22.48 -19.73
N SER A 194 -2.30 21.48 -19.19
CA SER A 194 -2.11 20.14 -19.71
C SER A 194 -3.39 19.33 -19.55
N ALA A 195 -3.56 18.37 -20.46
CA ALA A 195 -4.52 17.29 -20.30
C ALA A 195 -4.16 16.44 -19.09
N LEU A 196 -5.16 15.72 -18.55
CA LEU A 196 -4.87 14.72 -17.52
C LEU A 196 -5.88 13.58 -17.58
N ALA A 197 -5.57 12.45 -16.93
CA ALA A 197 -6.47 11.30 -16.85
C ALA A 197 -6.78 11.01 -15.38
N GLU A 198 -7.61 9.99 -15.10
CA GLU A 198 -8.22 9.80 -13.79
C GLU A 198 -7.18 9.74 -12.67
N ALA A 199 -6.08 9.01 -12.88
CA ALA A 199 -5.13 8.80 -11.78
C ALA A 199 -4.50 10.11 -11.34
N GLU A 200 -4.56 11.15 -12.19
CA GLU A 200 -3.93 12.44 -11.90
C GLU A 200 -4.91 13.41 -11.24
N VAL A 201 -6.13 12.94 -11.00
CA VAL A 201 -7.19 13.78 -10.46
C VAL A 201 -7.41 13.38 -9.00
N GLU A 202 -7.62 14.38 -8.13
CA GLU A 202 -8.09 14.16 -6.75
C GLU A 202 -9.45 14.84 -6.59
N TYR A 203 -10.45 14.10 -6.10
CA TYR A 203 -11.75 14.71 -5.83
C TYR A 203 -11.72 15.40 -4.47
N LYS A 204 -12.23 16.65 -4.43
CA LYS A 204 -12.35 17.39 -3.19
C LYS A 204 -13.70 18.10 -3.24
N MSE A 205 -14.30 18.29 -2.06
CA MSE A 205 -15.55 19.06 -1.98
C MSE A 205 -15.24 20.49 -2.39
O MSE A 205 -14.17 20.99 -2.04
CB MSE A 205 -16.10 18.98 -0.56
CG MSE A 205 -16.52 17.61 -0.15
SE MSE A 205 -17.98 17.03 -1.32
CE MSE A 205 -18.59 15.28 -0.71
N LYS A 206 -16.15 21.12 -3.12
CA LYS A 206 -15.92 22.49 -3.55
C LYS A 206 -17.30 23.13 -3.66
N LYS A 207 -17.37 24.42 -3.29
CA LYS A 207 -18.58 25.20 -3.43
C LYS A 207 -18.73 25.61 -4.91
N SER A 208 -19.99 25.70 -5.34
CA SER A 208 -20.29 26.06 -6.71
C SER A 208 -21.60 26.82 -6.79
N PRO A 209 -21.73 27.76 -7.75
CA PRO A 209 -23.04 28.32 -8.13
C PRO A 209 -23.89 27.16 -8.62
N SER A 210 -25.22 27.26 -8.43
CA SER A 210 -26.14 26.24 -8.90
C SER A 210 -27.38 27.02 -9.34
N ILE A 211 -27.60 27.11 -10.67
CA ILE A 211 -28.54 28.11 -11.20
C ILE A 211 -29.55 27.44 -12.15
N PHE A 212 -30.79 27.95 -12.14
CA PHE A 212 -31.87 27.51 -13.01
C PHE A 212 -32.16 28.65 -13.99
N VAL A 213 -32.09 28.35 -15.31
CA VAL A 213 -32.05 29.42 -16.31
C VAL A 213 -33.12 29.11 -17.35
N ALA A 214 -33.93 30.13 -17.69
CA ALA A 214 -34.98 29.98 -18.67
C ALA A 214 -34.45 30.30 -20.06
N PHE A 215 -34.75 29.42 -21.03
CA PHE A 215 -34.42 29.63 -22.44
C PHE A 215 -35.75 29.67 -23.20
N GLY A 216 -36.18 30.88 -23.60
CA GLY A 216 -37.46 31.07 -24.24
C GLY A 216 -37.47 30.42 -25.61
N LEU A 217 -38.57 29.70 -25.94
CA LEU A 217 -38.73 29.19 -27.29
C LEU A 217 -38.87 30.36 -28.29
N LYS A 218 -38.39 30.15 -29.50
CA LYS A 218 -38.49 31.17 -30.54
C LYS A 218 -39.94 31.29 -31.01
N LYS A 219 -40.28 32.44 -31.61
CA LYS A 219 -41.62 32.72 -32.11
C LYS A 219 -42.16 31.57 -32.93
N GLU A 220 -41.37 31.08 -33.88
CA GLU A 220 -41.82 30.05 -34.79
C GLU A 220 -42.04 28.72 -34.06
N SER A 221 -41.23 28.47 -33.03
CA SER A 221 -41.43 27.25 -32.24
C SER A 221 -42.70 27.35 -31.38
N LEU A 222 -42.96 28.52 -30.78
CA LEU A 222 -44.20 28.75 -30.03
C LEU A 222 -45.44 28.50 -30.94
N GLU A 223 -45.35 28.96 -32.19
CA GLU A 223 -46.44 28.82 -33.15
C GLU A 223 -46.69 27.35 -33.46
N LYS A 224 -45.62 26.57 -33.56
CA LYS A 224 -45.72 25.15 -33.84
C LYS A 224 -46.28 24.42 -32.62
N LEU A 225 -45.91 24.86 -31.43
CA LEU A 225 -46.34 24.14 -30.24
C LEU A 225 -47.77 24.54 -29.86
N LYS A 226 -48.25 25.68 -30.40
CA LYS A 226 -49.57 26.24 -30.16
C LYS A 226 -49.74 26.82 -28.76
N VAL A 227 -48.70 27.42 -28.16
CA VAL A 227 -48.83 28.12 -26.90
C VAL A 227 -48.30 29.55 -27.06
N LYS A 228 -48.70 30.46 -26.15
CA LYS A 228 -48.30 31.85 -26.21
C LYS A 228 -46.91 32.06 -25.60
N LYS A 229 -46.56 31.21 -24.62
CA LYS A 229 -45.33 31.41 -23.87
C LYS A 229 -44.85 30.04 -23.43
N ALA A 230 -43.54 29.81 -23.63
CA ALA A 230 -42.92 28.58 -23.13
C ALA A 230 -41.43 28.87 -23.13
N SER A 231 -40.78 28.55 -22.00
CA SER A 231 -39.34 28.60 -21.84
C SER A 231 -38.92 27.31 -21.16
N LEU A 232 -37.98 26.58 -21.76
CA LEU A 232 -37.40 25.41 -21.11
C LEU A 232 -36.46 25.90 -20.00
N VAL A 233 -36.54 25.27 -18.85
CA VAL A 233 -35.64 25.66 -17.77
C VAL A 233 -34.52 24.60 -17.66
N ILE A 234 -33.26 25.08 -17.59
CA ILE A 234 -32.14 24.16 -17.41
C ILE A 234 -31.56 24.38 -16.02
N TRP A 235 -30.87 23.35 -15.48
CA TRP A 235 -30.11 23.52 -14.24
C TRP A 235 -28.63 23.32 -14.56
N THR A 236 -27.76 24.21 -14.06
CA THR A 236 -26.34 24.06 -14.33
C THR A 236 -25.53 24.53 -13.13
N THR A 237 -24.42 23.86 -12.88
CA THR A 237 -23.43 24.37 -11.91
C THR A 237 -22.29 25.05 -12.65
N THR A 238 -22.40 25.19 -13.99
CA THR A 238 -21.29 25.78 -14.75
C THR A 238 -21.78 26.89 -15.67
N PRO A 239 -22.16 28.09 -15.11
CA PRO A 239 -22.41 29.29 -15.92
C PRO A 239 -21.32 29.59 -16.95
N TRP A 240 -20.08 29.18 -16.65
CA TRP A 240 -18.98 29.41 -17.58
C TRP A 240 -19.10 28.70 -18.93
N THR A 241 -19.94 27.66 -19.02
CA THR A 241 -20.11 27.00 -20.31
C THR A 241 -21.37 27.44 -21.04
N LEU A 242 -22.15 28.35 -20.47
CA LEU A 242 -23.38 28.79 -21.13
C LEU A 242 -23.09 29.43 -22.49
N TYR A 243 -21.97 30.14 -22.62
CA TYR A 243 -21.58 30.74 -23.89
C TYR A 243 -21.52 29.71 -25.02
N ALA A 244 -21.25 28.42 -24.67
CA ALA A 244 -20.96 27.39 -25.66
C ALA A 244 -22.18 26.47 -25.85
N ASN A 245 -23.34 26.91 -25.37
CA ASN A 245 -24.60 26.18 -25.56
C ASN A 245 -24.94 26.03 -27.05
N VAL A 246 -25.35 24.83 -27.49
CA VAL A 246 -25.93 24.67 -28.82
C VAL A 246 -27.30 23.96 -28.79
N ALA A 247 -27.64 23.37 -27.63
CA ALA A 247 -28.85 22.57 -27.55
C ALA A 247 -29.34 22.50 -26.11
N ILE A 248 -30.59 22.05 -25.98
CA ILE A 248 -31.16 21.67 -24.71
C ILE A 248 -31.67 20.25 -24.89
N ALA A 249 -31.12 19.29 -24.13
CA ALA A 249 -31.45 17.89 -24.35
C ALA A 249 -32.51 17.44 -23.35
N LEU A 250 -33.54 16.76 -23.87
CA LEU A 250 -34.64 16.25 -23.05
C LEU A 250 -34.59 14.73 -23.01
N LYS A 251 -35.31 14.13 -22.06
CA LYS A 251 -35.39 12.68 -22.02
C LYS A 251 -36.43 12.26 -23.07
N LYS A 252 -36.08 11.25 -23.88
CA LYS A 252 -36.91 10.73 -24.97
C LYS A 252 -38.22 10.16 -24.42
N ASP A 253 -39.32 10.36 -25.15
CA ASP A 253 -40.63 9.79 -24.80
C ASP A 253 -40.99 10.09 -23.34
N ALA A 254 -40.90 11.37 -22.94
CA ALA A 254 -41.17 11.72 -21.55
C ALA A 254 -42.11 12.92 -21.50
N VAL A 255 -42.88 13.05 -20.39
CA VAL A 255 -43.87 14.11 -20.28
C VAL A 255 -43.22 15.39 -19.74
N TYR A 256 -43.42 16.50 -20.46
CA TYR A 256 -42.96 17.82 -20.02
C TYR A 256 -44.18 18.69 -19.69
N ALA A 257 -44.16 19.36 -18.53
CA ALA A 257 -45.27 20.16 -18.05
C ALA A 257 -44.95 21.63 -18.32
N LEU A 258 -45.95 22.33 -18.85
CA LEU A 258 -45.88 23.76 -19.08
C LEU A 258 -46.72 24.43 -17.99
N THR A 259 -46.11 25.41 -17.32
CA THR A 259 -46.77 26.05 -16.19
C THR A 259 -47.51 27.30 -16.68
N GLN A 260 -48.34 27.85 -15.78
CA GLN A 260 -49.17 29.01 -16.05
C GLN A 260 -48.30 30.19 -16.48
N LYS A 261 -47.16 30.43 -15.80
CA LYS A 261 -46.25 31.52 -16.16
C LYS A 261 -45.44 31.21 -17.42
N GLY A 262 -45.47 29.97 -17.91
CA GLY A 262 -44.90 29.63 -19.19
C GLY A 262 -43.52 28.95 -19.09
N TYR A 263 -43.28 28.17 -18.02
CA TYR A 263 -42.05 27.40 -17.85
C TYR A 263 -42.30 25.94 -18.21
N LEU A 264 -41.33 25.32 -18.88
CA LEU A 264 -41.46 23.98 -19.39
C LEU A 264 -40.35 23.15 -18.76
N VAL A 265 -40.74 22.14 -17.95
CA VAL A 265 -39.84 21.28 -17.20
C VAL A 265 -40.39 19.85 -17.27
N ALA A 266 -39.56 18.84 -16.96
CA ALA A 266 -40.10 17.48 -16.84
C ALA A 266 -41.23 17.44 -15.81
N LYS A 267 -42.34 16.76 -16.16
CA LYS A 267 -43.46 16.64 -15.25
C LYS A 267 -42.99 15.99 -13.94
N ALA A 268 -42.08 15.03 -14.04
CA ALA A 268 -41.63 14.24 -12.90
C ALA A 268 -40.89 15.12 -11.89
N LEU A 269 -40.35 16.27 -12.33
CA LEU A 269 -39.60 17.14 -11.45
C LEU A 269 -40.38 18.41 -11.12
N HIS A 270 -41.61 18.56 -11.64
CA HIS A 270 -42.33 19.80 -11.39
C HIS A 270 -42.53 20.05 -9.89
N GLU A 271 -42.91 19.01 -9.14
CA GLU A 271 -43.24 19.21 -7.73
C GLU A 271 -42.04 19.75 -6.97
N LYS A 272 -40.89 19.12 -7.16
CA LYS A 272 -39.63 19.52 -6.57
C LYS A 272 -39.31 20.94 -6.99
N LEU A 273 -39.41 21.26 -8.30
CA LEU A 273 -39.04 22.58 -8.79
C LEU A 273 -39.95 23.66 -8.22
N ALA A 274 -41.25 23.37 -8.13
CA ALA A 274 -42.19 24.35 -7.62
C ALA A 274 -41.92 24.57 -6.11
N ALA A 275 -41.57 23.51 -5.37
CA ALA A 275 -41.20 23.58 -3.96
C ALA A 275 -39.95 24.46 -3.75
N LEU A 276 -39.01 24.46 -4.70
CA LEU A 276 -37.82 25.31 -4.65
C LEU A 276 -38.12 26.75 -5.04
N GLY A 277 -39.25 26.97 -5.69
CA GLY A 277 -39.57 28.29 -6.17
C GLY A 277 -38.93 28.58 -7.53
N VAL A 278 -38.45 27.53 -8.22
CA VAL A 278 -37.92 27.70 -9.58
C VAL A 278 -39.05 28.03 -10.53
N VAL A 279 -40.18 27.30 -10.45
CA VAL A 279 -41.31 27.53 -11.35
C VAL A 279 -42.55 27.67 -10.49
N ASP A 280 -43.64 28.16 -11.09
CA ASP A 280 -44.97 28.30 -10.48
C ASP A 280 -45.66 26.94 -10.40
N ASN A 281 -46.67 26.84 -9.52
CA ASN A 281 -47.24 25.55 -9.15
C ASN A 281 -48.25 25.09 -10.19
N GLU A 282 -48.83 25.99 -10.99
CA GLU A 282 -49.97 25.58 -11.82
C GLU A 282 -49.49 25.06 -13.18
N ILE A 283 -49.81 23.80 -13.50
CA ILE A 283 -49.51 23.23 -14.83
C ILE A 283 -50.71 23.45 -15.74
N THR A 284 -50.48 23.92 -16.99
CA THR A 284 -51.58 24.21 -17.91
C THR A 284 -51.68 23.19 -19.06
N HIS A 285 -50.55 22.63 -19.45
CA HIS A 285 -50.46 21.71 -20.59
C HIS A 285 -49.34 20.71 -20.33
N GLU A 286 -49.46 19.52 -20.92
CA GLU A 286 -48.42 18.51 -20.86
C GLU A 286 -48.06 18.13 -22.29
N PHE A 287 -46.75 18.01 -22.57
CA PHE A 287 -46.34 17.65 -23.92
C PHE A 287 -45.39 16.48 -23.83
N ASN A 288 -45.33 15.68 -24.90
CA ASN A 288 -44.35 14.61 -24.96
C ASN A 288 -43.08 15.20 -25.57
N SER A 289 -41.91 14.85 -24.99
CA SER A 289 -40.62 15.29 -25.51
C SER A 289 -40.46 14.98 -27.00
N ASN A 290 -41.00 13.85 -27.49
CA ASN A 290 -40.92 13.52 -28.91
C ASN A 290 -41.51 14.64 -29.77
N ASP A 291 -42.49 15.40 -29.25
CA ASP A 291 -43.08 16.49 -30.04
C ASP A 291 -42.32 17.80 -29.88
N LEU A 292 -41.36 17.87 -28.93
CA LEU A 292 -40.60 19.08 -28.68
C LEU A 292 -39.28 19.05 -29.45
N GLU A 293 -38.81 17.85 -29.81
CA GLU A 293 -37.55 17.72 -30.56
C GLU A 293 -37.60 18.56 -31.85
N TYR A 294 -36.50 19.29 -32.13
CA TYR A 294 -36.34 20.16 -33.29
C TYR A 294 -37.00 21.52 -33.15
N LEU A 295 -37.74 21.79 -32.05
CA LEU A 295 -38.05 23.18 -31.74
C LEU A 295 -36.75 23.90 -31.41
N VAL A 296 -36.82 25.24 -31.37
CA VAL A 296 -35.63 26.06 -31.17
C VAL A 296 -35.92 27.06 -30.06
N ALA A 297 -34.91 27.29 -29.18
CA ALA A 297 -34.97 28.26 -28.11
C ALA A 297 -33.86 29.31 -28.30
N THR A 298 -33.88 30.33 -27.45
CA THR A 298 -32.92 31.44 -27.46
C THR A 298 -32.15 31.44 -26.14
N ASN A 299 -30.83 31.48 -26.29
CA ASN A 299 -29.93 31.52 -25.14
C ASN A 299 -29.99 32.94 -24.55
N PRO A 300 -30.38 33.13 -23.25
CA PRO A 300 -30.57 34.45 -22.66
C PRO A 300 -29.21 35.19 -22.53
N LEU A 301 -28.10 34.44 -22.57
CA LEU A 301 -26.79 35.05 -22.39
C LEU A 301 -26.31 35.77 -23.65
N ASN A 302 -26.51 35.18 -24.84
CA ASN A 302 -25.92 35.77 -26.04
C ASN A 302 -26.90 35.81 -27.20
N GLN A 303 -28.16 35.44 -26.94
CA GLN A 303 -29.26 35.48 -27.90
C GLN A 303 -29.12 34.44 -29.01
N ARG A 304 -28.17 33.49 -28.88
CA ARG A 304 -28.03 32.50 -29.94
C ARG A 304 -29.14 31.45 -29.90
N ASP A 305 -29.31 30.76 -31.02
CA ASP A 305 -30.30 29.68 -31.09
C ASP A 305 -29.78 28.49 -30.27
N SER A 306 -30.73 27.67 -29.78
CA SER A 306 -30.43 26.45 -29.06
C SER A 306 -31.42 25.40 -29.53
N LEU A 307 -30.96 24.27 -30.07
CA LEU A 307 -31.85 23.25 -30.62
C LEU A 307 -32.43 22.42 -29.47
N VAL A 308 -33.73 22.14 -29.51
CA VAL A 308 -34.30 21.21 -28.55
C VAL A 308 -34.06 19.81 -29.10
N ALA A 309 -33.29 19.05 -28.31
CA ALA A 309 -32.80 17.75 -28.74
C ALA A 309 -33.24 16.67 -27.75
N LEU A 310 -33.01 15.41 -28.11
CA LEU A 310 -33.33 14.30 -27.23
C LEU A 310 -32.00 13.67 -26.86
N GLY A 311 -31.75 13.57 -25.55
CA GLY A 311 -30.47 13.06 -25.13
C GLY A 311 -30.61 11.60 -24.70
N GLU A 312 -29.57 10.80 -24.86
CA GLU A 312 -29.61 9.44 -24.31
C GLU A 312 -29.47 9.49 -22.80
N HIS A 313 -30.34 8.76 -22.14
CA HIS A 313 -30.26 8.70 -20.68
C HIS A 313 -30.11 10.10 -20.03
N VAL A 314 -31.06 11.03 -20.31
CA VAL A 314 -31.21 12.22 -19.48
C VAL A 314 -31.95 11.75 -18.23
N GLY A 315 -31.35 11.97 -17.06
CA GLY A 315 -31.95 11.53 -15.80
C GLY A 315 -33.04 12.49 -15.32
N LEU A 316 -33.89 11.99 -14.43
CA LEU A 316 -34.96 12.80 -13.87
C LEU A 316 -34.86 12.82 -12.36
N GLU A 317 -33.65 12.58 -11.86
CA GLU A 317 -33.38 12.58 -10.44
C GLU A 317 -32.97 13.97 -9.95
N ASP A 318 -32.22 14.70 -10.78
CA ASP A 318 -31.81 16.05 -10.39
C ASP A 318 -32.08 16.99 -11.56
N GLY A 319 -31.89 18.29 -11.36
CA GLY A 319 -32.05 19.23 -12.45
C GLY A 319 -33.53 19.39 -12.79
N THR A 320 -33.80 19.57 -14.09
CA THR A 320 -35.15 19.92 -14.52
C THR A 320 -35.63 18.93 -15.57
N GLY A 321 -34.75 18.01 -16.04
CA GLY A 321 -35.05 17.14 -17.19
C GLY A 321 -34.76 17.81 -18.53
N ALA A 322 -34.21 19.04 -18.50
CA ALA A 322 -33.74 19.71 -19.71
C ALA A 322 -32.30 20.16 -19.46
N VAL A 323 -31.38 19.71 -20.31
CA VAL A 323 -29.96 19.79 -19.99
C VAL A 323 -29.28 20.74 -20.98
N HIS A 324 -28.67 21.82 -20.47
CA HIS A 324 -27.85 22.72 -21.29
C HIS A 324 -26.68 21.93 -21.86
N THR A 325 -26.53 21.94 -23.20
CA THR A 325 -25.60 21.04 -23.86
C THR A 325 -24.51 21.88 -24.51
N ALA A 326 -23.26 21.63 -24.09
CA ALA A 326 -22.11 22.33 -24.59
C ALA A 326 -21.05 21.33 -25.06
N PRO A 327 -21.08 20.92 -26.37
CA PRO A 327 -20.15 19.92 -26.93
C PRO A 327 -18.67 20.22 -26.64
N GLY A 328 -18.30 21.50 -26.53
CA GLY A 328 -16.91 21.83 -26.28
C GLY A 328 -16.40 21.51 -24.87
N HIS A 329 -17.31 21.24 -23.93
CA HIS A 329 -16.94 21.22 -22.52
C HIS A 329 -17.52 20.00 -21.80
N GLY A 330 -18.09 19.05 -22.53
CA GLY A 330 -18.67 17.87 -21.87
C GLY A 330 -18.68 16.71 -22.87
N GLU A 331 -18.22 15.52 -22.45
CA GLU A 331 -18.02 14.45 -23.42
C GLU A 331 -19.39 13.96 -23.95
N GLU A 332 -20.35 13.73 -23.05
CA GLU A 332 -21.68 13.33 -23.53
C GLU A 332 -22.26 14.42 -24.44
N ASP A 333 -22.08 15.67 -24.00
CA ASP A 333 -22.53 16.80 -24.79
C ASP A 333 -21.91 16.74 -26.19
N TYR A 334 -20.61 16.46 -26.25
CA TYR A 334 -19.90 16.39 -27.54
C TYR A 334 -20.55 15.41 -28.50
N TYR A 335 -20.76 14.17 -28.05
CA TYR A 335 -21.33 13.16 -28.94
C TYR A 335 -22.75 13.53 -29.37
N LEU A 336 -23.55 14.13 -28.46
CA LEU A 336 -24.89 14.58 -28.85
C LEU A 336 -24.79 15.64 -29.95
N GLY A 337 -23.91 16.65 -29.75
CA GLY A 337 -23.62 17.64 -30.78
C GLY A 337 -23.32 17.02 -32.13
N LEU A 338 -22.44 16.02 -32.18
CA LEU A 338 -22.06 15.39 -33.44
C LEU A 338 -23.26 14.66 -34.05
N ARG A 339 -24.03 13.98 -33.20
CA ARG A 339 -25.25 13.26 -33.64
C ARG A 339 -26.21 14.21 -34.37
N TYR A 340 -26.35 15.44 -33.89
CA TYR A 340 -27.21 16.42 -34.56
C TYR A 340 -26.44 17.37 -35.48
N ASN A 341 -25.15 17.10 -35.75
CA ASN A 341 -24.33 17.94 -36.61
C ASN A 341 -24.39 19.39 -36.13
N LEU A 342 -24.14 19.61 -34.83
CA LEU A 342 -24.18 20.97 -34.32
C LEU A 342 -22.75 21.51 -34.18
N GLU A 343 -22.62 22.82 -33.96
CA GLU A 343 -21.32 23.44 -33.76
C GLU A 343 -20.67 22.96 -32.47
N VAL A 344 -19.34 22.76 -32.51
CA VAL A 344 -18.59 22.51 -31.28
C VAL A 344 -17.95 23.83 -30.85
N LEU A 345 -18.63 24.56 -29.99
CA LEU A 345 -18.15 25.87 -29.56
C LEU A 345 -17.15 25.64 -28.43
N MSE A 346 -15.89 26.12 -28.62
CA MSE A 346 -14.87 25.94 -27.60
C MSE A 346 -13.89 27.11 -27.68
O MSE A 346 -12.95 27.08 -28.50
CB MSE A 346 -14.18 24.57 -27.76
CG MSE A 346 -13.85 23.92 -26.40
SE MSE A 346 -12.36 24.97 -25.55
CE MSE A 346 -10.88 24.72 -26.82
N SER A 347 -14.14 28.16 -26.88
CA SER A 347 -13.30 29.36 -26.93
C SER A 347 -12.60 29.60 -25.61
N VAL A 348 -12.19 28.52 -24.96
CA VAL A 348 -11.45 28.62 -23.71
C VAL A 348 -10.07 28.03 -23.98
N ASP A 349 -9.02 28.80 -23.64
CA ASP A 349 -7.67 28.45 -24.02
C ASP A 349 -7.05 27.53 -22.97
N GLU A 350 -5.75 27.20 -23.18
CA GLU A 350 -5.04 26.23 -22.36
C GLU A 350 -4.88 26.72 -20.92
N LYS A 351 -4.96 28.04 -20.71
CA LYS A 351 -4.88 28.64 -19.39
C LYS A 351 -6.27 28.84 -18.77
N GLY A 352 -7.33 28.30 -19.38
CA GLY A 352 -8.64 28.38 -18.73
C GLY A 352 -9.30 29.77 -18.92
N CYS A 353 -8.84 30.55 -19.92
CA CYS A 353 -9.33 31.91 -20.18
C CYS A 353 -10.09 31.95 -21.50
N TYR A 354 -11.11 32.83 -21.54
CA TYR A 354 -11.87 33.01 -22.77
C TYR A 354 -10.96 33.65 -23.81
N ASP A 355 -11.02 33.15 -25.06
CA ASP A 355 -10.13 33.71 -26.07
C ASP A 355 -10.94 34.45 -27.14
N GLU A 356 -10.28 34.87 -28.23
CA GLU A 356 -10.92 35.74 -29.21
C GLU A 356 -12.09 35.04 -29.92
N GLY A 357 -12.16 33.71 -29.83
CA GLY A 357 -13.30 32.95 -30.33
C GLY A 357 -14.67 33.46 -29.83
N ILE A 358 -14.72 34.07 -28.64
CA ILE A 358 -16.02 34.54 -28.14
C ILE A 358 -16.49 35.76 -28.95
N ILE A 359 -15.53 36.54 -29.46
CA ILE A 359 -15.79 37.73 -30.28
C ILE A 359 -16.11 37.32 -31.70
N HIS A 360 -15.22 36.53 -32.30
CA HIS A 360 -15.40 36.06 -33.67
C HIS A 360 -16.76 35.40 -33.87
N ASN A 361 -17.22 34.62 -32.88
CA ASN A 361 -18.46 33.88 -33.04
C ASN A 361 -19.63 34.54 -32.30
N GLN A 362 -19.40 35.70 -31.67
CA GLN A 362 -20.43 36.41 -30.92
C GLN A 362 -21.06 35.55 -29.82
N LEU A 363 -20.21 34.88 -29.03
CA LEU A 363 -20.71 33.95 -28.02
C LEU A 363 -20.85 34.64 -26.67
N LEU A 364 -20.03 35.67 -26.43
CA LEU A 364 -19.95 36.27 -25.12
C LEU A 364 -19.36 37.67 -25.34
N ASP A 365 -19.70 38.57 -24.44
CA ASP A 365 -19.35 39.98 -24.61
C ASP A 365 -17.83 40.15 -24.57
N GLU A 366 -17.32 41.10 -25.36
CA GLU A 366 -15.89 41.29 -25.55
C GLU A 366 -15.15 41.52 -24.24
N SER A 367 -15.83 42.13 -23.29
CA SER A 367 -15.28 42.40 -21.98
C SER A 367 -14.78 41.14 -21.26
N TYR A 368 -15.27 39.95 -21.63
CA TYR A 368 -14.82 38.69 -21.04
C TYR A 368 -13.50 38.19 -21.66
N LEU A 369 -13.00 38.84 -22.72
CA LEU A 369 -11.78 38.36 -23.35
C LEU A 369 -10.63 38.32 -22.34
N GLY A 370 -9.97 37.15 -22.23
CA GLY A 370 -8.82 36.99 -21.34
C GLY A 370 -9.21 36.61 -19.92
N GLU A 371 -10.50 36.62 -19.57
CA GLU A 371 -10.86 36.31 -18.20
C GLU A 371 -10.89 34.79 -17.98
N HIS A 372 -10.48 34.38 -16.78
CA HIS A 372 -10.54 32.97 -16.42
C HIS A 372 -12.00 32.57 -16.22
N VAL A 373 -12.36 31.40 -16.77
CA VAL A 373 -13.73 30.92 -16.70
C VAL A 373 -14.34 30.96 -15.31
N PHE A 374 -13.59 30.56 -14.26
CA PHE A 374 -14.20 30.50 -12.93
C PHE A 374 -14.41 31.90 -12.35
N LYS A 375 -13.49 32.83 -12.68
CA LYS A 375 -13.57 34.22 -12.27
C LYS A 375 -14.73 34.96 -12.95
N ALA A 376 -15.13 34.56 -14.17
CA ALA A 376 -16.16 35.29 -14.90
C ALA A 376 -17.59 34.94 -14.47
N GLN A 377 -17.76 33.83 -13.73
CA GLN A 377 -19.08 33.27 -13.48
C GLN A 377 -19.99 34.26 -12.75
N LYS A 378 -19.46 34.97 -11.74
CA LYS A 378 -20.33 35.90 -11.02
C LYS A 378 -20.96 36.90 -11.96
N ARG A 379 -20.18 37.47 -12.89
CA ARG A 379 -20.65 38.49 -13.81
C ARG A 379 -21.61 37.87 -14.82
N ILE A 380 -21.29 36.66 -15.31
CA ILE A 380 -22.19 35.97 -16.23
C ILE A 380 -23.57 35.81 -15.60
N ILE A 381 -23.62 35.34 -14.34
CA ILE A 381 -24.88 35.12 -13.64
C ILE A 381 -25.69 36.42 -13.54
N GLU A 382 -25.01 37.54 -13.24
CA GLU A 382 -25.66 38.85 -13.19
C GLU A 382 -26.22 39.23 -14.55
N GLN A 383 -25.53 38.85 -15.62
CA GLN A 383 -25.97 39.23 -16.94
C GLN A 383 -27.25 38.47 -17.36
N LEU A 384 -27.58 37.37 -16.68
CA LEU A 384 -28.72 36.56 -17.09
C LEU A 384 -30.05 37.29 -16.81
N GLY A 385 -30.03 38.29 -15.93
CA GLY A 385 -31.21 39.07 -15.63
C GLY A 385 -32.42 38.19 -15.26
N ASP A 386 -33.59 38.52 -15.80
CA ASP A 386 -34.86 37.84 -15.53
C ASP A 386 -34.84 36.37 -15.98
N SER A 387 -33.89 35.94 -16.82
CA SER A 387 -33.85 34.51 -17.18
C SER A 387 -33.31 33.63 -16.03
N LEU A 388 -32.70 34.24 -15.02
CA LEU A 388 -32.23 33.51 -13.84
C LEU A 388 -33.40 33.31 -12.88
N LEU A 389 -33.94 32.09 -12.83
CA LEU A 389 -35.13 31.83 -12.04
C LEU A 389 -34.75 31.58 -10.58
N LEU A 390 -33.61 30.95 -10.32
CA LEU A 390 -33.16 30.72 -8.95
C LEU A 390 -31.64 30.53 -8.94
N GLU A 391 -30.96 31.18 -7.99
CA GLU A 391 -29.53 30.96 -7.76
C GLU A 391 -29.35 30.37 -6.37
N GLN A 392 -28.56 29.28 -6.30
CA GLN A 392 -28.20 28.67 -5.04
C GLN A 392 -26.68 28.54 -5.04
N GLU A 393 -26.12 28.20 -3.88
CA GLU A 393 -24.73 27.74 -3.80
C GLU A 393 -24.77 26.35 -3.21
N ILE A 394 -24.05 25.39 -3.83
CA ILE A 394 -24.03 24.01 -3.41
C ILE A 394 -22.58 23.59 -3.16
N GLU A 395 -22.44 22.40 -2.60
CA GLU A 395 -21.11 21.82 -2.45
C GLU A 395 -21.17 20.51 -3.22
N HIS A 396 -20.12 20.17 -3.99
CA HIS A 396 -20.08 18.88 -4.68
C HIS A 396 -18.64 18.37 -4.76
N SER A 397 -18.50 17.06 -5.00
CA SER A 397 -17.18 16.45 -5.17
C SER A 397 -16.69 16.81 -6.57
N TYR A 398 -15.58 17.57 -6.66
CA TYR A 398 -15.17 18.12 -7.94
C TYR A 398 -13.72 17.69 -8.26
N PRO A 399 -13.42 17.36 -9.55
CA PRO A 399 -12.07 16.92 -9.95
C PRO A 399 -11.03 18.04 -9.83
N HIS A 400 -9.92 17.79 -9.11
CA HIS A 400 -8.82 18.74 -9.00
C HIS A 400 -7.55 18.11 -9.55
N CYS A 401 -6.66 18.94 -10.13
CA CYS A 401 -5.37 18.49 -10.63
C CYS A 401 -4.54 18.21 -9.39
N TRP A 402 -4.12 16.96 -9.19
CA TRP A 402 -3.34 16.63 -7.99
C TRP A 402 -1.99 17.33 -7.92
N ARG A 403 -1.35 17.54 -9.08
CA ARG A 403 -0.05 18.16 -9.19
C ARG A 403 -0.14 19.61 -8.70
N THR A 404 -1.16 20.35 -9.15
CA THR A 404 -1.22 21.77 -8.80
C THR A 404 -2.23 22.08 -7.68
N HIS A 405 -3.06 21.09 -7.30
CA HIS A 405 -4.17 21.24 -6.34
C HIS A 405 -5.29 22.17 -6.83
N LYS A 406 -5.33 22.53 -8.10
CA LYS A 406 -6.35 23.44 -8.59
C LYS A 406 -7.47 22.67 -9.30
N PRO A 407 -8.71 23.21 -9.33
CA PRO A 407 -9.84 22.57 -9.99
C PRO A 407 -9.50 22.37 -11.46
N VAL A 408 -9.94 21.25 -12.06
CA VAL A 408 -9.76 21.12 -13.49
C VAL A 408 -10.96 21.73 -14.22
N ILE A 409 -10.83 22.00 -15.54
CA ILE A 409 -12.00 22.22 -16.39
C ILE A 409 -12.05 21.10 -17.44
N TYR A 410 -12.96 21.20 -18.42
CA TYR A 410 -12.95 20.28 -19.57
C TYR A 410 -12.85 21.10 -20.84
N ARG A 411 -11.95 20.69 -21.76
CA ARG A 411 -11.81 21.32 -23.06
C ARG A 411 -11.78 20.24 -24.15
N ALA A 412 -12.55 20.43 -25.25
CA ALA A 412 -12.37 19.64 -26.45
C ALA A 412 -10.97 19.87 -27.02
N THR A 413 -10.21 18.80 -27.18
CA THR A 413 -8.81 18.87 -27.58
C THR A 413 -8.46 17.55 -28.26
N THR A 414 -7.44 17.60 -29.14
CA THR A 414 -6.99 16.39 -29.81
C THR A 414 -5.83 15.80 -29.01
N GLN A 415 -5.98 14.55 -28.56
CA GLN A 415 -4.96 13.92 -27.73
C GLN A 415 -4.87 12.45 -28.13
N TRP A 416 -3.87 11.77 -27.55
CA TRP A 416 -3.62 10.37 -27.85
C TRP A 416 -4.18 9.51 -26.74
N PHE A 417 -4.75 8.34 -27.10
CA PHE A 417 -5.45 7.50 -26.14
C PHE A 417 -5.07 6.03 -26.36
N ILE A 418 -5.01 5.25 -25.28
CA ILE A 418 -5.11 3.80 -25.39
C ILE A 418 -6.58 3.42 -25.33
N LEU A 419 -7.11 2.75 -26.35
CA LEU A 419 -8.55 2.42 -26.44
C LEU A 419 -8.87 1.15 -25.64
N MSE A 420 -10.02 1.17 -24.92
CA MSE A 420 -10.43 0.14 -23.98
C MSE A 420 -11.36 -0.86 -24.67
O MSE A 420 -11.49 -2.02 -24.21
CB MSE A 420 -11.20 0.76 -22.80
CG MSE A 420 -10.30 1.61 -21.90
SE MSE A 420 -8.93 0.38 -21.02
CE MSE A 420 -10.09 -0.84 -19.94
N ASP A 421 -12.09 -0.40 -25.69
CA ASP A 421 -13.17 -1.21 -26.27
C ASP A 421 -12.90 -1.47 -27.75
N GLU A 422 -11.62 -1.44 -28.12
CA GLU A 422 -11.16 -1.69 -29.47
C GLU A 422 -10.59 -3.12 -29.56
N PRO A 423 -11.23 -4.04 -30.29
CA PRO A 423 -10.70 -5.40 -30.44
C PRO A 423 -9.27 -5.35 -30.96
N PHE A 424 -8.41 -6.22 -30.43
CA PHE A 424 -7.04 -6.32 -30.94
C PHE A 424 -6.63 -7.79 -30.98
N ILE A 425 -5.55 -8.10 -31.71
CA ILE A 425 -5.14 -9.47 -31.89
C ILE A 425 -4.38 -9.92 -30.65
N GLN A 426 -4.85 -11.00 -30.03
CA GLN A 426 -4.25 -11.56 -28.83
C GLN A 426 -3.03 -12.38 -29.25
N ASN A 427 -2.14 -12.67 -28.29
CA ASN A 427 -0.89 -13.37 -28.57
C ASN A 427 -1.22 -14.80 -29.00
N ASP A 428 -2.40 -15.30 -28.62
CA ASP A 428 -2.80 -16.63 -29.04
C ASP A 428 -3.58 -16.62 -30.37
N GLY A 429 -3.71 -15.47 -31.04
CA GLY A 429 -4.43 -15.40 -32.30
C GLY A 429 -5.92 -15.03 -32.20
N SER A 430 -6.49 -15.07 -31.00
CA SER A 430 -7.88 -14.66 -30.81
C SER A 430 -8.00 -13.13 -30.83
N GLN A 431 -9.26 -12.64 -30.71
CA GLN A 431 -9.60 -11.24 -30.84
C GLN A 431 -10.41 -10.79 -29.62
N LYS A 432 -9.94 -9.76 -28.87
CA LYS A 432 -10.59 -9.31 -27.64
C LYS A 432 -10.29 -7.83 -27.43
N THR A 433 -11.14 -7.14 -26.67
CA THR A 433 -10.83 -5.75 -26.33
C THR A 433 -9.91 -5.72 -25.10
N LEU A 434 -9.27 -4.59 -24.83
CA LEU A 434 -8.38 -4.47 -23.67
C LEU A 434 -9.20 -4.59 -22.38
N ARG A 435 -10.41 -4.02 -22.37
CA ARG A 435 -11.28 -4.17 -21.20
C ARG A 435 -11.55 -5.66 -20.95
N GLU A 436 -11.89 -6.42 -22.00
CA GLU A 436 -12.19 -7.84 -21.79
C GLU A 436 -10.97 -8.59 -21.25
N VAL A 437 -9.80 -8.35 -21.88
CA VAL A 437 -8.56 -8.99 -21.45
C VAL A 437 -8.24 -8.65 -19.98
N ALA A 438 -8.37 -7.36 -19.60
CA ALA A 438 -8.05 -6.95 -18.22
C ALA A 438 -8.99 -7.60 -17.21
N LEU A 439 -10.28 -7.72 -17.58
CA LEU A 439 -11.23 -8.33 -16.65
C LEU A 439 -10.92 -9.84 -16.49
N ASP A 440 -10.55 -10.50 -17.59
CA ASP A 440 -10.11 -11.91 -17.57
C ASP A 440 -8.84 -12.02 -16.70
N ALA A 441 -7.90 -11.09 -16.89
CA ALA A 441 -6.60 -11.13 -16.22
C ALA A 441 -6.74 -11.03 -14.69
N ILE A 442 -7.62 -10.13 -14.23
CA ILE A 442 -7.84 -9.87 -12.81
C ILE A 442 -8.24 -11.17 -12.12
N GLU A 443 -9.04 -12.00 -12.82
CA GLU A 443 -9.58 -13.23 -12.19
C GLU A 443 -8.48 -14.27 -11.91
N LYS A 444 -7.31 -14.07 -12.49
CA LYS A 444 -6.21 -15.00 -12.29
C LYS A 444 -5.21 -14.46 -11.28
N VAL A 445 -5.49 -13.30 -10.67
CA VAL A 445 -4.58 -12.67 -9.70
C VAL A 445 -5.11 -12.89 -8.28
N GLU A 446 -4.24 -13.21 -7.35
CA GLU A 446 -4.58 -13.32 -5.94
C GLU A 446 -4.48 -11.94 -5.27
N PHE A 447 -5.57 -11.49 -4.63
CA PHE A 447 -5.56 -10.22 -3.91
C PHE A 447 -5.61 -10.46 -2.42
N VAL A 448 -4.78 -9.72 -1.68
CA VAL A 448 -4.72 -9.84 -0.22
C VAL A 448 -4.83 -8.42 0.35
N PRO A 449 -5.97 -7.97 0.92
CA PRO A 449 -7.19 -8.77 1.17
C PRO A 449 -7.92 -9.09 -0.14
N SER A 450 -8.74 -10.14 -0.15
CA SER A 450 -9.56 -10.58 -1.28
C SER A 450 -10.38 -9.45 -1.89
N SER A 451 -10.90 -8.60 -1.00
CA SER A 451 -11.76 -7.48 -1.34
C SER A 451 -11.10 -6.55 -2.36
N GLY A 452 -9.75 -6.53 -2.39
CA GLY A 452 -9.07 -5.63 -3.32
C GLY A 452 -9.44 -5.92 -4.79
N LYS A 453 -9.74 -7.19 -5.10
CA LYS A 453 -10.07 -7.60 -6.46
C LYS A 453 -11.28 -6.79 -6.99
N ASN A 454 -12.31 -6.69 -6.16
CA ASN A 454 -13.55 -6.00 -6.53
C ASN A 454 -13.30 -4.51 -6.81
N ARG A 455 -12.41 -3.88 -6.03
CA ARG A 455 -12.11 -2.46 -6.21
C ARG A 455 -11.49 -2.24 -7.60
N LEU A 456 -10.50 -3.06 -7.93
CA LEU A 456 -9.86 -2.91 -9.24
C LEU A 456 -10.80 -3.32 -10.38
N LYS A 457 -11.52 -4.45 -10.24
CA LYS A 457 -12.46 -4.92 -11.25
C LYS A 457 -13.49 -3.83 -11.61
N THR A 458 -14.10 -3.24 -10.58
CA THR A 458 -15.08 -2.18 -10.78
C THR A 458 -14.50 -1.03 -11.60
N MSE A 459 -13.26 -0.60 -11.26
CA MSE A 459 -12.66 0.49 -12.00
C MSE A 459 -12.45 0.10 -13.48
O MSE A 459 -12.70 0.92 -14.37
CB MSE A 459 -11.32 0.82 -11.36
CG MSE A 459 -11.50 1.52 -10.02
SE MSE A 459 -9.73 1.53 -9.11
CE MSE A 459 -10.29 1.83 -7.26
N ILE A 460 -11.95 -1.13 -13.74
CA ILE A 460 -11.74 -1.59 -15.12
C ILE A 460 -13.09 -1.69 -15.88
N GLU A 461 -14.16 -2.16 -15.22
CA GLU A 461 -15.49 -2.20 -15.84
C GLU A 461 -15.94 -0.81 -16.30
N ASN A 462 -15.55 0.22 -15.54
CA ASN A 462 -16.12 1.54 -15.72
C ASN A 462 -15.20 2.53 -16.44
N ARG A 463 -13.88 2.27 -16.56
CA ARG A 463 -12.95 3.31 -16.98
C ARG A 463 -13.15 3.65 -18.47
N PRO A 464 -12.91 4.93 -18.87
CA PRO A 464 -13.02 5.35 -20.28
C PRO A 464 -11.70 5.07 -21.02
N ASP A 465 -11.54 5.51 -22.26
CA ASP A 465 -10.25 5.37 -22.92
C ASP A 465 -9.18 6.16 -22.13
N TRP A 466 -7.94 5.68 -22.16
CA TRP A 466 -6.86 6.26 -21.34
C TRP A 466 -6.09 7.32 -22.14
N CYS A 467 -6.25 8.59 -21.75
CA CYS A 467 -5.51 9.65 -22.42
C CYS A 467 -4.04 9.63 -21.99
N LEU A 468 -3.12 9.47 -22.99
CA LEU A 468 -1.70 9.25 -22.76
C LEU A 468 -0.89 10.52 -22.94
N SER A 469 -1.40 11.53 -23.70
CA SER A 469 -0.53 12.63 -24.12
C SER A 469 -0.59 13.78 -23.11
N ARG A 470 0.57 14.34 -22.74
CA ARG A 470 0.61 15.43 -21.75
C ARG A 470 1.43 16.59 -22.29
N GLN A 471 1.18 17.77 -21.73
CA GLN A 471 1.87 18.97 -22.19
C GLN A 471 2.70 19.44 -20.99
N ARG A 472 3.98 19.07 -20.93
CA ARG A 472 4.82 19.40 -19.78
C ARG A 472 6.29 19.40 -20.22
N LYS A 473 7.17 19.80 -19.30
CA LYS A 473 8.56 20.13 -19.62
C LYS A 473 9.54 18.97 -19.34
N TRP A 474 9.08 17.85 -18.72
CA TRP A 474 9.91 16.71 -18.29
C TRP A 474 9.11 15.43 -18.49
N GLY A 475 9.77 14.33 -18.91
CA GLY A 475 9.15 13.03 -19.07
C GLY A 475 9.67 12.38 -20.34
N VAL A 476 9.01 11.28 -20.75
CA VAL A 476 9.36 10.56 -21.97
C VAL A 476 8.46 11.01 -23.10
N PRO A 477 9.00 11.44 -24.27
CA PRO A 477 8.16 11.88 -25.36
C PRO A 477 7.37 10.75 -25.99
N LEU A 478 6.17 11.07 -26.46
CA LEU A 478 5.41 10.16 -27.31
C LEU A 478 6.03 10.26 -28.70
N ALA A 479 7.22 9.66 -28.88
CA ALA A 479 8.13 9.97 -29.98
C ALA A 479 7.79 9.22 -31.27
N PHE A 480 6.69 9.62 -31.90
CA PHE A 480 6.33 9.19 -33.24
C PHE A 480 6.33 10.41 -34.18
N PHE A 481 6.46 10.15 -35.50
CA PHE A 481 6.40 11.19 -36.51
C PHE A 481 5.01 11.14 -37.10
N ILE A 482 4.49 12.31 -37.44
CA ILE A 482 3.34 12.41 -38.32
C ILE A 482 3.87 12.63 -39.75
N ASP A 483 3.36 11.82 -40.67
CA ASP A 483 3.68 12.02 -42.07
C ASP A 483 2.73 13.12 -42.54
N LYS A 484 3.30 14.26 -42.96
CA LYS A 484 2.48 15.37 -43.43
C LYS A 484 1.77 15.03 -44.73
N ARG A 485 2.25 14.02 -45.47
CA ARG A 485 1.58 13.57 -46.69
C ARG A 485 0.28 12.81 -46.41
N THR A 486 0.19 12.09 -45.27
CA THR A 486 -0.98 11.27 -44.93
C THR A 486 -1.72 11.88 -43.74
N ASN A 487 -1.05 12.77 -43.00
CA ASN A 487 -1.58 13.26 -41.74
C ASN A 487 -1.81 12.14 -40.69
N LYS A 488 -1.05 11.04 -40.77
CA LYS A 488 -1.19 9.94 -39.83
C LYS A 488 0.18 9.59 -39.26
N PRO A 489 0.21 8.94 -38.07
CA PRO A 489 1.47 8.61 -37.39
C PRO A 489 2.26 7.57 -38.19
N CYS A 490 3.59 7.63 -38.13
CA CYS A 490 4.42 6.62 -38.78
C CYS A 490 4.76 5.51 -37.77
N PHE A 491 4.19 4.31 -37.98
CA PHE A 491 4.46 3.17 -37.12
C PHE A 491 5.35 2.15 -37.83
N GLU A 492 6.11 2.57 -38.84
CA GLU A 492 6.97 1.61 -39.54
C GLU A 492 8.06 1.13 -38.58
N SER A 493 8.15 -0.20 -38.41
CA SER A 493 9.12 -0.88 -37.58
C SER A 493 10.53 -0.30 -37.68
N GLU A 494 10.99 -0.02 -38.90
CA GLU A 494 12.39 0.36 -39.02
C GLU A 494 12.60 1.74 -38.41
N VAL A 495 11.59 2.61 -38.54
CA VAL A 495 11.64 3.93 -37.93
C VAL A 495 11.61 3.81 -36.40
N LEU A 496 10.65 3.02 -35.89
CA LEU A 496 10.44 2.91 -34.44
C LEU A 496 11.66 2.30 -33.76
N GLU A 497 12.24 1.26 -34.38
CA GLU A 497 13.40 0.61 -33.79
C GLU A 497 14.61 1.54 -33.84
N HIS A 498 14.70 2.35 -34.90
CA HIS A 498 15.79 3.29 -35.01
C HIS A 498 15.76 4.28 -33.87
N VAL A 499 14.58 4.87 -33.65
CA VAL A 499 14.46 5.84 -32.57
C VAL A 499 14.68 5.14 -31.22
N ALA A 500 14.12 3.94 -31.04
CA ALA A 500 14.29 3.28 -29.73
C ALA A 500 15.76 3.04 -29.44
N ASN A 501 16.52 2.66 -30.48
CA ASN A 501 17.95 2.43 -30.32
C ASN A 501 18.66 3.71 -29.90
N LEU A 502 18.30 4.86 -30.52
CA LEU A 502 18.92 6.13 -30.14
C LEU A 502 18.62 6.42 -28.67
N PHE A 503 17.35 6.23 -28.25
CA PHE A 503 17.02 6.46 -26.85
C PHE A 503 17.86 5.53 -25.96
N GLU A 504 18.04 4.28 -26.35
CA GLU A 504 18.80 3.38 -25.46
C GLU A 504 20.21 3.88 -25.22
N LYS A 505 20.82 4.43 -26.26
CA LYS A 505 22.20 4.90 -26.18
C LYS A 505 22.29 6.32 -25.61
N LYS A 506 21.39 7.22 -26.00
CA LYS A 506 21.62 8.63 -25.77
C LYS A 506 20.50 9.22 -24.89
N GLY A 507 19.42 8.45 -24.67
CA GLY A 507 18.31 8.95 -23.87
C GLY A 507 17.44 9.87 -24.71
N CYS A 508 16.30 10.33 -24.16
CA CYS A 508 15.31 11.01 -24.98
C CYS A 508 15.63 12.49 -25.25
N ASP A 509 16.76 13.02 -24.75
CA ASP A 509 17.10 14.41 -25.07
C ASP A 509 17.25 14.57 -26.58
N VAL A 510 17.64 13.48 -27.26
CA VAL A 510 17.85 13.50 -28.70
C VAL A 510 16.56 13.88 -29.45
N TRP A 511 15.39 13.61 -28.85
CA TRP A 511 14.12 13.93 -29.51
C TRP A 511 13.99 15.44 -29.70
N TRP A 512 14.55 16.21 -28.75
CA TRP A 512 14.56 17.67 -28.84
C TRP A 512 15.74 18.16 -29.68
N GLU A 513 16.92 17.56 -29.49
CA GLU A 513 18.16 18.15 -30.00
C GLU A 513 18.44 17.80 -31.46
N TYR A 514 18.08 16.58 -31.88
CA TYR A 514 18.35 16.09 -33.21
C TYR A 514 17.31 16.63 -34.20
N SER A 515 17.72 16.82 -35.47
CA SER A 515 16.76 17.15 -36.53
C SER A 515 15.98 15.89 -36.88
N VAL A 516 14.82 16.07 -37.52
CA VAL A 516 14.02 14.95 -38.00
C VAL A 516 14.93 14.03 -38.80
N LYS A 517 15.74 14.64 -39.69
CA LYS A 517 16.61 13.84 -40.54
C LYS A 517 17.49 12.90 -39.70
N ASP A 518 18.14 13.45 -38.66
CA ASP A 518 19.05 12.65 -37.84
C ASP A 518 18.28 11.58 -37.05
N LEU A 519 16.97 11.80 -36.83
CA LEU A 519 16.20 10.85 -36.03
C LEU A 519 15.68 9.71 -36.90
N LEU A 520 15.79 9.84 -38.22
CA LEU A 520 15.25 8.82 -39.11
C LEU A 520 16.35 7.85 -39.56
N PRO A 521 16.03 6.60 -39.97
CA PRO A 521 17.05 5.67 -40.47
C PRO A 521 17.63 6.22 -41.78
N PRO A 522 18.89 5.85 -42.17
CA PRO A 522 19.51 6.34 -43.41
C PRO A 522 18.57 6.37 -44.61
N SER A 523 17.77 5.32 -44.76
CA SER A 523 16.90 5.15 -45.90
C SER A 523 15.68 6.08 -45.92
N TYR A 524 15.44 6.86 -44.85
CA TYR A 524 14.28 7.75 -44.90
C TYR A 524 14.72 9.20 -45.03
N GLN A 525 16.02 9.45 -44.87
CA GLN A 525 16.53 10.82 -44.77
C GLN A 525 16.12 11.64 -45.98
N GLU A 526 15.91 10.98 -47.12
CA GLU A 526 15.50 11.72 -48.30
C GLU A 526 14.09 12.27 -48.09
N ASP A 527 13.30 11.55 -47.29
CA ASP A 527 11.91 11.92 -47.05
C ASP A 527 11.70 12.72 -45.74
N ALA A 528 12.78 13.23 -45.17
CA ALA A 528 12.77 13.87 -43.86
C ALA A 528 11.81 15.05 -43.86
N LYS A 529 11.73 15.78 -44.98
CA LYS A 529 10.88 16.95 -45.05
C LYS A 529 9.40 16.63 -44.84
N HIS A 530 8.97 15.38 -44.99
CA HIS A 530 7.55 15.03 -44.90
C HIS A 530 7.09 14.71 -43.46
N TYR A 531 8.02 14.68 -42.52
CA TYR A 531 7.72 14.13 -41.20
C TYR A 531 7.89 15.21 -40.14
N GLU A 532 6.95 15.23 -39.18
CA GLU A 532 7.03 16.21 -38.09
C GLU A 532 6.89 15.46 -36.77
N LYS A 533 7.70 15.85 -35.79
CA LYS A 533 7.69 15.21 -34.48
C LYS A 533 6.41 15.50 -33.70
N ILE A 534 5.83 14.47 -33.07
CA ILE A 534 4.90 14.71 -31.98
C ILE A 534 5.71 15.14 -30.75
N MSE A 535 5.27 16.19 -30.04
CA MSE A 535 6.10 16.70 -28.96
C MSE A 535 5.46 16.42 -27.59
O MSE A 535 6.03 16.80 -26.56
CB MSE A 535 6.40 18.19 -29.13
CG MSE A 535 7.34 18.53 -30.32
SE MSE A 535 9.03 17.59 -30.32
CE MSE A 535 9.88 17.97 -28.57
N HIS A 536 4.26 15.80 -27.58
CA HIS A 536 3.62 15.44 -26.31
C HIS A 536 4.51 14.50 -25.50
N ILE A 537 4.34 14.58 -24.16
CA ILE A 537 5.03 13.75 -23.19
C ILE A 537 4.06 12.64 -22.79
N LEU A 538 4.60 11.46 -22.48
CA LEU A 538 3.75 10.36 -22.02
C LEU A 538 3.29 10.58 -20.60
N ASP A 539 2.04 10.21 -20.31
CA ASP A 539 1.56 10.10 -18.96
C ASP A 539 2.55 9.26 -18.14
N VAL A 540 2.95 9.75 -16.96
CA VAL A 540 3.96 9.00 -16.22
C VAL A 540 3.32 7.75 -15.58
N TRP A 541 1.99 7.69 -15.52
CA TRP A 541 1.32 6.46 -15.05
C TRP A 541 1.55 5.33 -16.06
N PHE A 542 1.69 5.71 -17.34
CA PHE A 542 2.07 4.77 -18.38
C PHE A 542 3.50 4.29 -18.16
N ASP A 543 4.43 5.25 -17.98
CA ASP A 543 5.82 4.92 -17.70
C ASP A 543 5.90 3.88 -16.55
N SER A 544 5.25 4.18 -15.40
CA SER A 544 5.34 3.30 -14.24
C SER A 544 4.59 2.00 -14.48
N GLY A 545 3.51 2.08 -15.22
CA GLY A 545 2.83 0.85 -15.58
C GLY A 545 3.68 -0.08 -16.45
N SER A 546 4.76 0.48 -17.04
CA SER A 546 5.69 -0.28 -17.88
C SER A 546 6.87 -0.85 -17.09
N THR A 547 6.94 -0.66 -15.77
CA THR A 547 8.14 -1.09 -15.04
C THR A 547 8.36 -2.60 -15.19
N PHE A 548 7.29 -3.40 -15.28
CA PHE A 548 7.46 -4.83 -15.44
C PHE A 548 8.33 -5.16 -16.66
N LYS A 549 8.11 -4.43 -17.75
CA LYS A 549 8.83 -4.64 -18.99
C LYS A 549 10.26 -4.14 -18.84
N ALA A 550 10.41 -2.90 -18.36
CA ALA A 550 11.76 -2.35 -18.27
C ALA A 550 12.65 -3.08 -17.27
N VAL A 551 12.08 -3.64 -16.18
CA VAL A 551 12.87 -4.24 -15.11
C VAL A 551 12.90 -5.78 -15.23
N LEU A 552 11.73 -6.42 -15.28
CA LEU A 552 11.63 -7.88 -15.21
C LEU A 552 11.92 -8.51 -16.57
N GLU A 553 11.31 -7.99 -17.65
CA GLU A 553 11.45 -8.62 -18.96
C GLU A 553 12.77 -8.23 -19.62
N ASP A 554 13.11 -6.94 -19.62
CA ASP A 554 14.25 -6.45 -20.38
C ASP A 554 15.56 -6.88 -19.73
N TYR A 555 15.52 -7.40 -18.48
CA TYR A 555 16.76 -7.90 -17.90
C TYR A 555 16.78 -9.43 -17.88
N HIS A 556 15.78 -10.05 -18.56
CA HIS A 556 15.69 -11.48 -18.82
C HIS A 556 15.79 -12.28 -17.51
N GLY A 557 15.09 -11.84 -16.46
CA GLY A 557 15.09 -12.67 -15.28
C GLY A 557 16.14 -12.26 -14.24
N GLU A 558 17.11 -11.42 -14.59
CA GLU A 558 18.20 -11.13 -13.67
C GLU A 558 17.74 -10.26 -12.51
N LYS A 559 16.60 -9.59 -12.64
CA LYS A 559 16.09 -8.74 -11.56
C LYS A 559 14.73 -9.28 -11.16
N GLY A 560 14.44 -10.52 -11.57
CA GLY A 560 13.21 -11.21 -11.21
C GLY A 560 12.37 -11.59 -12.43
N GLN A 561 11.33 -12.41 -12.21
CA GLN A 561 10.53 -13.00 -13.26
C GLN A 561 9.37 -12.08 -13.59
N SER A 562 8.90 -12.16 -14.83
CA SER A 562 7.62 -11.57 -15.23
C SER A 562 6.66 -12.70 -15.55
N PRO A 563 5.45 -12.83 -14.95
CA PRO A 563 4.92 -11.92 -13.94
C PRO A 563 5.63 -12.08 -12.60
N SER A 564 5.74 -11.01 -11.82
CA SER A 564 6.28 -11.08 -10.46
C SER A 564 5.44 -12.01 -9.56
N ASP A 565 6.05 -12.54 -8.51
CA ASP A 565 5.31 -13.29 -7.51
C ASP A 565 4.40 -12.40 -6.68
N VAL A 566 4.89 -11.20 -6.29
CA VAL A 566 4.12 -10.33 -5.42
C VAL A 566 4.45 -8.88 -5.78
N ILE A 567 3.42 -8.02 -5.75
CA ILE A 567 3.61 -6.58 -5.60
C ILE A 567 2.88 -6.15 -4.32
N LEU A 568 3.39 -5.10 -3.65
CA LEU A 568 2.87 -4.71 -2.35
C LEU A 568 2.90 -3.19 -2.27
N GLU A 569 1.71 -2.59 -2.24
CA GLU A 569 1.61 -1.13 -2.23
C GLU A 569 0.34 -0.73 -1.47
N GLY A 570 0.14 0.57 -1.31
CA GLY A 570 -1.06 1.14 -0.68
C GLY A 570 -2.31 0.76 -1.48
N SER A 571 -3.43 0.62 -0.81
CA SER A 571 -4.69 0.29 -1.45
C SER A 571 -5.16 1.45 -2.32
N ASP A 572 -4.50 2.63 -2.26
CA ASP A 572 -4.78 3.66 -3.26
C ASP A 572 -4.15 3.36 -4.63
N GLN A 573 -3.35 2.28 -4.75
CA GLN A 573 -2.77 1.96 -6.06
C GLN A 573 -3.71 1.17 -6.97
N HIS A 574 -4.91 0.78 -6.49
CA HIS A 574 -5.90 0.21 -7.41
C HIS A 574 -6.26 1.22 -8.50
N ARG A 575 -6.25 2.50 -8.12
CA ARG A 575 -6.54 3.60 -9.01
C ARG A 575 -5.28 4.05 -9.76
N GLY A 576 -4.13 3.54 -9.33
CA GLY A 576 -2.82 3.97 -9.83
C GLY A 576 -2.03 2.85 -10.48
N TRP A 577 -0.88 2.53 -9.88
CA TRP A 577 0.12 1.66 -10.49
C TRP A 577 -0.45 0.25 -10.73
N PHE A 578 -1.29 -0.29 -9.82
CA PHE A 578 -1.86 -1.61 -10.15
C PHE A 578 -2.61 -1.60 -11.48
N GLN A 579 -3.39 -0.55 -11.72
CA GLN A 579 -4.27 -0.53 -12.87
C GLN A 579 -3.47 -0.24 -14.14
N SER A 580 -2.53 0.70 -14.07
CA SER A 580 -1.74 0.97 -15.25
C SER A 580 -0.87 -0.23 -15.64
N SER A 581 -0.26 -0.90 -14.65
CA SER A 581 0.54 -2.11 -14.88
C SER A 581 -0.34 -3.26 -15.41
N LEU A 582 -1.57 -3.39 -14.87
CA LEU A 582 -2.48 -4.41 -15.39
C LEU A 582 -2.73 -4.19 -16.89
N LEU A 583 -3.08 -2.96 -17.25
CA LEU A 583 -3.49 -2.65 -18.62
C LEU A 583 -2.32 -2.87 -19.58
N ILE A 584 -1.12 -2.38 -19.25
CA ILE A 584 0.00 -2.49 -20.16
C ILE A 584 0.42 -3.97 -20.26
N GLY A 585 0.41 -4.67 -19.13
CA GLY A 585 0.67 -6.09 -19.19
C GLY A 585 -0.35 -6.82 -20.08
N CYS A 586 -1.61 -6.43 -19.99
CA CYS A 586 -2.63 -7.07 -20.81
C CYS A 586 -2.43 -6.78 -22.30
N VAL A 587 -1.93 -5.57 -22.64
CA VAL A 587 -1.61 -5.33 -24.06
C VAL A 587 -0.45 -6.25 -24.51
N LEU A 588 0.66 -6.23 -23.76
CA LEU A 588 1.88 -6.90 -24.21
C LEU A 588 1.78 -8.42 -24.08
N ASN A 589 1.24 -8.91 -22.95
CA ASN A 589 1.32 -10.31 -22.56
C ASN A 589 -0.07 -10.93 -22.41
N ASN A 590 -1.12 -10.10 -22.52
CA ASN A 590 -2.52 -10.51 -22.36
C ASN A 590 -2.74 -11.07 -20.96
N GLN A 591 -1.91 -10.64 -19.98
CA GLN A 591 -2.16 -11.03 -18.58
C GLN A 591 -1.59 -9.95 -17.66
N ALA A 592 -1.95 -10.02 -16.37
CA ALA A 592 -1.31 -9.14 -15.39
C ALA A 592 0.17 -9.50 -15.28
N PRO A 593 1.07 -8.50 -15.04
CA PRO A 593 2.51 -8.72 -14.82
C PRO A 593 2.86 -9.04 -13.36
N PHE A 594 1.82 -9.36 -12.59
CA PHE A 594 1.92 -9.77 -11.20
C PHE A 594 0.97 -10.95 -10.95
N LYS A 595 1.37 -11.84 -10.04
CA LYS A 595 0.52 -12.97 -9.68
C LYS A 595 -0.33 -12.66 -8.46
N LYS A 596 0.18 -11.80 -7.55
CA LYS A 596 -0.49 -11.53 -6.29
C LYS A 596 -0.27 -10.08 -5.92
N VAL A 597 -1.30 -9.46 -5.31
CA VAL A 597 -1.26 -8.05 -4.90
C VAL A 597 -1.56 -8.06 -3.40
N ILE A 598 -0.66 -7.50 -2.61
CA ILE A 598 -0.89 -7.29 -1.17
C ILE A 598 -1.01 -5.78 -0.93
N THR A 599 -2.05 -5.29 -0.20
CA THR A 599 -2.15 -3.86 0.02
C THR A 599 -2.07 -3.52 1.51
N HIS A 600 -1.66 -2.27 1.82
CA HIS A 600 -1.70 -1.78 3.19
C HIS A 600 -2.49 -0.48 3.20
N GLY A 601 -2.88 0.00 4.40
CA GLY A 601 -3.57 1.27 4.48
C GLY A 601 -2.59 2.44 4.63
N PHE A 602 -3.11 3.54 5.20
CA PHE A 602 -2.32 4.77 5.29
C PHE A 602 -1.90 4.93 6.75
N ILE A 603 -0.80 5.65 6.97
CA ILE A 603 -0.37 6.06 8.30
C ILE A 603 -1.20 7.30 8.63
N VAL A 604 -1.89 7.28 9.78
CA VAL A 604 -2.73 8.40 10.17
C VAL A 604 -2.38 8.79 11.62
N ASP A 605 -3.01 9.88 12.10
CA ASP A 605 -2.78 10.38 13.46
C ASP A 605 -3.61 9.58 14.46
N GLU A 606 -3.56 9.96 15.77
CA GLU A 606 -4.24 9.21 16.81
C GLU A 606 -5.75 9.31 16.63
N LYS A 607 -6.18 10.35 15.89
CA LYS A 607 -7.59 10.56 15.61
C LYS A 607 -8.03 9.81 14.36
N GLY A 608 -7.10 9.15 13.66
CA GLY A 608 -7.42 8.52 12.38
C GLY A 608 -7.42 9.49 11.19
N GLU A 609 -6.93 10.71 11.39
CA GLU A 609 -6.92 11.65 10.28
C GLU A 609 -5.59 11.61 9.51
N LYS A 610 -5.65 11.90 8.21
CA LYS A 610 -4.44 11.95 7.38
C LYS A 610 -3.51 13.06 7.89
N MSE A 611 -2.19 12.85 7.75
CA MSE A 611 -1.20 13.79 8.24
C MSE A 611 -0.94 14.86 7.18
O MSE A 611 -0.62 14.51 6.04
CB MSE A 611 0.11 13.04 8.58
CG MSE A 611 -0.02 12.15 9.82
SE MSE A 611 1.68 11.21 10.20
CE MSE A 611 1.20 10.52 12.00
N SER A 612 -1.05 16.14 7.58
CA SER A 612 -0.85 17.30 6.70
C SER A 612 -0.04 18.35 7.45
N LYS A 613 0.83 19.06 6.72
CA LYS A 613 1.55 20.20 7.26
C LYS A 613 0.57 21.23 7.80
N SER A 614 -0.53 21.43 7.06
CA SER A 614 -1.56 22.42 7.37
C SER A 614 -2.29 22.03 8.66
N LYS A 615 -2.44 20.73 8.86
CA LYS A 615 -3.20 20.23 10.00
C LYS A 615 -2.30 20.17 11.23
N GLY A 616 -0.99 20.29 11.00
CA GLY A 616 -0.03 20.30 12.10
C GLY A 616 0.17 18.95 12.79
N ASN A 617 -0.26 17.84 12.18
CA ASN A 617 -0.28 16.55 12.86
C ASN A 617 0.79 15.58 12.31
N VAL A 618 1.81 16.11 11.64
CA VAL A 618 2.80 15.29 10.94
C VAL A 618 3.87 14.81 11.91
N VAL A 619 4.09 13.49 11.94
CA VAL A 619 5.19 12.90 12.69
C VAL A 619 6.26 12.47 11.69
N SER A 620 7.47 13.00 11.84
CA SER A 620 8.50 12.63 10.90
C SER A 620 8.99 11.22 11.20
N LEU A 621 9.48 10.59 10.13
CA LEU A 621 10.05 9.26 10.26
C LEU A 621 11.30 9.37 11.12
N ASP A 622 12.07 10.44 10.88
CA ASP A 622 13.29 10.65 11.63
C ASP A 622 13.00 10.64 13.13
N LYS A 623 11.98 11.40 13.55
CA LYS A 623 11.62 11.52 14.95
C LYS A 623 11.19 10.16 15.52
N LEU A 624 10.30 9.47 14.79
CA LEU A 624 9.80 8.17 15.19
C LEU A 624 10.96 7.19 15.42
N LEU A 625 11.94 7.18 14.50
CA LEU A 625 13.01 6.19 14.58
C LEU A 625 13.94 6.56 15.74
N LYS A 626 14.25 7.85 15.91
CA LYS A 626 15.09 8.28 17.01
C LYS A 626 14.43 7.94 18.35
N THR A 627 13.11 8.11 18.45
CA THR A 627 12.40 7.85 19.70
C THR A 627 12.36 6.36 20.06
N HIS A 628 12.03 5.50 19.08
CA HIS A 628 11.67 4.12 19.38
C HIS A 628 12.69 3.12 18.82
N GLY A 629 13.44 3.52 17.78
CA GLY A 629 14.34 2.58 17.09
C GLY A 629 13.62 1.78 15.99
N SER A 630 14.35 1.35 14.95
CA SER A 630 13.74 0.75 13.77
C SER A 630 13.09 -0.58 14.15
N ASP A 631 13.73 -1.37 15.04
CA ASP A 631 13.14 -2.66 15.38
C ASP A 631 11.76 -2.52 16.02
N VAL A 632 11.56 -1.47 16.84
CA VAL A 632 10.26 -1.19 17.44
C VAL A 632 9.25 -0.74 16.39
N VAL A 633 9.67 0.15 15.49
CA VAL A 633 8.79 0.57 14.41
C VAL A 633 8.38 -0.63 13.54
N ARG A 634 9.36 -1.49 13.25
CA ARG A 634 9.10 -2.70 12.44
C ARG A 634 8.11 -3.60 13.18
N LEU A 635 8.32 -3.78 14.49
CA LEU A 635 7.40 -4.63 15.25
C LEU A 635 6.00 -4.02 15.25
N TRP A 636 5.92 -2.70 15.36
CA TRP A 636 4.65 -1.98 15.39
C TRP A 636 3.86 -2.19 14.08
N VAL A 637 4.55 -2.12 12.93
CA VAL A 637 3.95 -2.53 11.65
C VAL A 637 3.40 -3.97 11.72
N ALA A 638 4.27 -4.92 12.05
CA ALA A 638 3.96 -6.35 11.94
C ALA A 638 2.87 -6.74 12.93
N PHE A 639 2.86 -6.09 14.11
CA PHE A 639 1.99 -6.49 15.20
C PHE A 639 0.64 -5.76 15.10
N ASN A 640 0.36 -5.15 13.95
CA ASN A 640 -0.89 -4.42 13.80
C ASN A 640 -1.58 -4.77 12.47
N ASP A 641 -2.84 -4.33 12.33
CA ASP A 641 -3.66 -4.65 11.16
C ASP A 641 -3.28 -3.72 10.01
N TYR A 642 -2.18 -4.03 9.31
CA TYR A 642 -1.62 -3.08 8.34
C TYR A 642 -2.47 -3.02 7.05
N GLN A 643 -3.42 -3.95 6.87
CA GLN A 643 -4.34 -3.82 5.74
C GLN A 643 -5.26 -2.60 5.88
N ASN A 644 -5.46 -2.13 7.11
CA ASN A 644 -6.24 -0.92 7.34
C ASN A 644 -5.32 0.21 7.80
N ASP A 645 -5.89 1.41 8.05
CA ASP A 645 -5.09 2.54 8.50
C ASP A 645 -4.40 2.23 9.82
N LEU A 646 -3.17 2.72 9.98
CA LEU A 646 -2.41 2.55 11.22
C LEU A 646 -2.29 3.92 11.91
N ARG A 647 -2.77 4.03 13.15
CA ARG A 647 -2.76 5.31 13.88
C ARG A 647 -1.50 5.43 14.71
N VAL A 648 -0.79 6.56 14.55
CA VAL A 648 0.42 6.86 15.31
C VAL A 648 0.01 7.54 16.62
N SER A 649 0.28 6.87 17.75
CA SER A 649 0.13 7.50 19.04
C SER A 649 1.13 6.90 20.01
N GLN A 650 1.43 7.66 21.07
CA GLN A 650 2.29 7.20 22.17
C GLN A 650 1.79 5.88 22.76
N THR A 651 0.48 5.74 23.05
CA THR A 651 0.00 4.52 23.66
C THR A 651 0.39 3.30 22.83
N PHE A 652 0.23 3.36 21.51
CA PHE A 652 0.43 2.18 20.66
C PHE A 652 1.92 1.85 20.58
N PHE A 653 2.77 2.87 20.51
CA PHE A 653 4.22 2.64 20.52
C PHE A 653 4.70 2.09 21.85
N THR A 654 4.09 2.57 22.94
CA THR A 654 4.40 2.07 24.28
C THR A 654 4.05 0.59 24.35
N GLN A 655 2.87 0.23 23.86
CA GLN A 655 2.47 -1.17 23.82
C GLN A 655 3.45 -2.02 23.02
N THR A 656 3.85 -1.57 21.83
CA THR A 656 4.80 -2.30 21.02
C THR A 656 6.15 -2.42 21.75
N GLU A 657 6.59 -1.35 22.42
CA GLU A 657 7.82 -1.41 23.20
C GLU A 657 7.76 -2.52 24.24
N GLN A 658 6.60 -2.67 24.90
CA GLN A 658 6.40 -3.71 25.90
C GLN A 658 6.52 -5.11 25.28
N HIS A 659 5.94 -5.29 24.07
CA HIS A 659 6.10 -6.55 23.35
C HIS A 659 7.58 -6.78 23.00
N TYR A 660 8.25 -5.77 22.45
CA TYR A 660 9.67 -5.93 22.10
C TYR A 660 10.45 -6.35 23.34
N LYS A 661 10.22 -5.68 24.48
CA LYS A 661 10.86 -5.97 25.77
C LYS A 661 10.63 -7.43 26.18
N LYS A 662 9.40 -7.92 26.07
CA LYS A 662 9.13 -9.30 26.46
C LYS A 662 9.92 -10.29 25.59
N PHE A 663 9.94 -10.09 24.26
CA PHE A 663 10.73 -10.95 23.39
C PHE A 663 12.22 -10.87 23.76
N ARG A 664 12.72 -9.65 23.96
CA ARG A 664 14.16 -9.48 24.16
C ARG A 664 14.57 -10.07 25.50
N ASN A 665 13.73 -9.83 26.54
CA ASN A 665 14.03 -10.35 27.86
C ASN A 665 13.99 -11.89 27.85
N THR A 666 13.05 -12.47 27.08
CA THR A 666 12.98 -13.93 26.97
C THR A 666 14.24 -14.46 26.28
N LEU A 667 14.65 -13.80 25.18
CA LEU A 667 15.86 -14.29 24.50
C LEU A 667 17.06 -14.20 25.45
N LYS A 668 17.16 -13.09 26.22
CA LYS A 668 18.27 -12.93 27.15
C LYS A 668 18.29 -14.08 28.15
N PHE A 669 17.12 -14.39 28.73
CA PHE A 669 17.04 -15.45 29.73
C PHE A 669 17.50 -16.78 29.14
N LEU A 670 17.07 -17.12 27.93
CA LEU A 670 17.45 -18.37 27.28
C LEU A 670 18.97 -18.42 27.11
N LEU A 671 19.54 -17.44 26.39
CA LEU A 671 21.00 -17.33 26.20
C LEU A 671 21.76 -17.44 27.51
N ALA A 672 21.31 -16.72 28.54
CA ALA A 672 21.99 -16.78 29.84
C ALA A 672 21.98 -18.20 30.39
N ASN A 673 20.89 -18.92 30.16
CA ASN A 673 20.68 -20.20 30.83
C ASN A 673 21.21 -21.40 30.07
N PHE A 674 21.75 -21.21 28.83
CA PHE A 674 22.49 -22.28 28.19
C PHE A 674 23.94 -21.85 27.91
N SER A 675 24.33 -20.64 28.34
CA SER A 675 25.67 -20.13 28.11
C SER A 675 26.76 -21.05 28.67
N ASP A 676 26.50 -21.76 29.78
CA ASP A 676 27.57 -22.56 30.36
C ASP A 676 27.50 -24.02 29.90
N MSE A 677 26.55 -24.39 29.02
CA MSE A 677 26.41 -25.77 28.62
C MSE A 677 27.61 -26.19 27.75
O MSE A 677 27.99 -25.49 26.80
CB MSE A 677 25.12 -25.92 27.78
CG MSE A 677 24.79 -27.38 27.49
SE MSE A 677 23.36 -27.53 26.17
CE MSE A 677 24.44 -27.11 24.55
N ASP A 678 28.22 -27.35 28.07
CA ASP A 678 29.35 -27.87 27.30
C ASP A 678 28.83 -28.26 25.91
N LEU A 679 29.50 -27.81 24.86
CA LEU A 679 28.98 -28.02 23.50
C LEU A 679 29.01 -29.49 23.08
N LYS A 680 29.66 -30.35 23.88
CA LYS A 680 29.62 -31.79 23.62
C LYS A 680 28.20 -32.32 23.75
N ASN A 681 27.31 -31.55 24.41
CA ASN A 681 25.91 -31.96 24.55
C ASN A 681 25.21 -31.99 23.19
N LEU A 682 25.65 -31.14 22.24
CA LEU A 682 25.03 -31.12 20.92
C LEU A 682 25.17 -32.48 20.22
N GLU A 683 26.16 -33.29 20.60
CA GLU A 683 26.47 -34.46 19.80
C GLU A 683 25.78 -35.72 20.31
N ARG A 684 25.05 -35.62 21.43
CA ARG A 684 24.48 -36.81 22.05
C ARG A 684 22.99 -36.65 22.29
N PRO A 685 22.22 -37.75 22.36
CA PRO A 685 20.83 -37.75 22.83
C PRO A 685 20.78 -37.40 24.33
N HIS A 686 19.60 -37.00 24.82
CA HIS A 686 19.37 -36.72 26.22
C HIS A 686 18.14 -37.49 26.68
N ASN A 687 18.11 -37.88 27.94
CA ASN A 687 16.88 -38.29 28.58
C ASN A 687 16.09 -37.03 28.92
N PHE A 688 15.09 -36.71 28.09
CA PHE A 688 14.17 -35.60 28.35
C PHE A 688 13.06 -36.03 29.31
N SER A 689 12.70 -35.12 30.24
CA SER A 689 11.63 -35.37 31.21
C SER A 689 10.26 -35.19 30.53
N PRO A 690 9.12 -35.62 31.14
CA PRO A 690 7.77 -35.32 30.63
C PRO A 690 7.55 -33.83 30.40
N LEU A 691 8.02 -33.00 31.33
CA LEU A 691 7.88 -31.54 31.14
C LEU A 691 8.73 -31.09 29.94
N ASP A 692 9.97 -31.58 29.82
CA ASP A 692 10.80 -31.23 28.67
C ASP A 692 10.05 -31.57 27.39
N HIS A 693 9.50 -32.81 27.34
CA HIS A 693 8.83 -33.29 26.14
C HIS A 693 7.59 -32.45 25.85
N PHE A 694 6.83 -32.10 26.90
CA PHE A 694 5.64 -31.26 26.73
C PHE A 694 6.03 -29.92 26.08
N MSE A 695 7.15 -29.35 26.54
CA MSE A 695 7.64 -28.08 25.99
C MSE A 695 8.06 -28.26 24.52
O MSE A 695 7.72 -27.42 23.68
CB MSE A 695 8.80 -27.52 26.84
CG MSE A 695 9.12 -26.06 26.52
SE MSE A 695 7.58 -24.87 26.87
CE MSE A 695 6.59 -25.84 28.18
N LEU A 696 8.78 -29.33 24.20
CA LEU A 696 9.18 -29.53 22.82
C LEU A 696 7.98 -29.75 21.90
N GLU A 697 6.99 -30.52 22.36
CA GLU A 697 5.80 -30.79 21.57
C GLU A 697 4.98 -29.50 21.38
N THR A 698 4.90 -28.68 22.43
CA THR A 698 4.21 -27.40 22.39
C THR A 698 4.95 -26.52 21.39
N LEU A 699 6.27 -26.48 21.50
CA LEU A 699 7.06 -25.64 20.61
C LEU A 699 6.81 -25.99 19.13
N GLU A 700 6.71 -27.27 18.84
CA GLU A 700 6.41 -27.76 17.49
C GLU A 700 5.02 -27.29 17.05
N THR A 701 4.01 -27.40 17.94
CA THR A 701 2.64 -27.06 17.60
C THR A 701 2.54 -25.57 17.33
N ILE A 702 3.07 -24.73 18.23
CA ILE A 702 3.01 -23.30 18.02
C ILE A 702 3.83 -22.89 16.79
N SER A 703 4.99 -23.52 16.53
CA SER A 703 5.79 -23.18 15.36
C SER A 703 4.98 -23.36 14.08
N ALA A 704 4.23 -24.46 13.99
CA ALA A 704 3.38 -24.71 12.82
C ALA A 704 2.35 -23.59 12.66
N GLY A 705 1.77 -23.13 13.77
CA GLY A 705 0.77 -22.07 13.77
C GLY A 705 1.35 -20.71 13.35
N VAL A 706 2.53 -20.39 13.89
CA VAL A 706 3.15 -19.13 13.51
C VAL A 706 3.47 -19.16 12.02
N ASN A 707 4.08 -20.26 11.57
CA ASN A 707 4.47 -20.39 10.18
C ASN A 707 3.25 -20.24 9.24
N SER A 708 2.15 -20.91 9.57
CA SER A 708 0.91 -20.79 8.78
C SER A 708 0.40 -19.35 8.70
N ALA A 709 0.37 -18.64 9.84
CA ALA A 709 -0.06 -17.25 9.88
C ALA A 709 0.88 -16.38 9.04
N PHE A 710 2.21 -16.59 9.16
CA PHE A 710 3.16 -15.77 8.41
C PHE A 710 3.02 -16.02 6.90
N GLU A 711 2.73 -17.29 6.54
CA GLU A 711 2.55 -17.66 5.14
C GLU A 711 1.39 -16.86 4.54
N GLU A 712 0.35 -16.59 5.35
CA GLU A 712 -0.78 -15.88 4.79
C GLU A 712 -0.64 -14.38 5.06
N HIS A 713 0.57 -13.93 5.46
CA HIS A 713 0.87 -12.50 5.66
C HIS A 713 0.11 -11.95 6.87
N ASP A 714 -0.39 -12.84 7.74
CA ASP A 714 -1.12 -12.43 8.94
C ASP A 714 -0.12 -12.42 10.10
N PHE A 715 0.69 -11.36 10.14
CA PHE A 715 1.77 -11.26 11.13
C PHE A 715 1.20 -11.07 12.52
N VAL A 716 0.07 -10.35 12.65
CA VAL A 716 -0.56 -10.24 13.96
C VAL A 716 -0.92 -11.61 14.55
N LYS A 717 -1.59 -12.44 13.76
CA LYS A 717 -1.99 -13.76 14.24
C LYS A 717 -0.76 -14.55 14.68
N GLY A 718 0.29 -14.55 13.86
CA GLY A 718 1.48 -15.33 14.18
C GLY A 718 2.19 -14.82 15.43
N LEU A 719 2.32 -13.48 15.56
CA LEU A 719 2.99 -12.85 16.71
C LEU A 719 2.17 -13.07 17.98
N ASN A 720 0.84 -13.10 17.88
CA ASN A 720 0.04 -13.37 19.07
C ASN A 720 0.27 -14.81 19.52
N ILE A 721 0.40 -15.75 18.55
CA ILE A 721 0.68 -17.15 18.87
C ILE A 721 2.04 -17.22 19.58
N LEU A 722 3.04 -16.61 18.95
CA LEU A 722 4.38 -16.63 19.54
C LEU A 722 4.39 -16.00 20.94
N MSE A 723 3.70 -14.85 21.13
CA MSE A 723 3.74 -14.12 22.38
C MSE A 723 3.02 -14.93 23.46
O MSE A 723 3.49 -14.97 24.57
CB MSE A 723 3.14 -12.71 22.23
CG MSE A 723 2.99 -11.93 23.52
SE MSE A 723 4.86 -11.63 24.09
CE MSE A 723 5.26 -10.19 22.82
N ALA A 724 1.93 -15.60 23.11
CA ALA A 724 1.20 -16.43 24.08
C ALA A 724 2.08 -17.60 24.54
N PHE A 725 2.77 -18.21 23.58
CA PHE A 725 3.70 -19.30 23.91
C PHE A 725 4.80 -18.79 24.83
N VAL A 726 5.37 -17.63 24.50
CA VAL A 726 6.43 -17.06 25.30
C VAL A 726 5.95 -16.74 26.72
N THR A 727 4.75 -16.17 26.80
CA THR A 727 4.22 -15.68 28.07
C THR A 727 3.70 -16.83 28.92
N ASN A 728 2.99 -17.77 28.29
CA ASN A 728 2.24 -18.75 29.06
C ASN A 728 3.06 -20.03 29.27
N GLU A 729 3.19 -20.88 28.22
CA GLU A 729 3.89 -22.16 28.36
C GLU A 729 5.36 -22.01 28.69
N LEU A 730 6.07 -21.12 27.97
CA LEU A 730 7.50 -21.00 28.17
C LEU A 730 7.80 -20.31 29.51
N SER A 731 7.40 -19.03 29.67
CA SER A 731 7.78 -18.32 30.88
C SER A 731 6.98 -18.82 32.08
N GLY A 732 5.65 -18.84 31.93
CA GLY A 732 4.72 -19.11 33.02
C GLY A 732 4.94 -20.50 33.59
N ILE A 733 5.15 -21.49 32.71
CA ILE A 733 5.19 -22.88 33.14
C ILE A 733 6.65 -23.35 33.18
N TYR A 734 7.32 -23.34 32.01
CA TYR A 734 8.60 -24.05 31.84
C TYR A 734 9.70 -23.34 32.65
N LEU A 735 9.92 -22.03 32.43
CA LEU A 735 11.03 -21.35 33.09
C LEU A 735 10.83 -21.30 34.61
N ASP A 736 9.61 -21.07 35.06
CA ASP A 736 9.29 -21.17 36.48
C ASP A 736 9.69 -22.54 37.05
N ALA A 737 9.27 -23.64 36.41
CA ALA A 737 9.59 -24.98 36.91
C ALA A 737 11.09 -25.25 36.89
N CYS A 738 11.79 -24.73 35.88
CA CYS A 738 13.16 -25.14 35.60
C CYS A 738 14.17 -24.26 36.33
N LYS A 739 13.74 -23.10 36.87
CA LYS A 739 14.71 -22.19 37.49
C LYS A 739 15.51 -22.87 38.61
N ASP A 740 14.88 -23.73 39.44
CA ASP A 740 15.62 -24.36 40.55
C ASP A 740 16.80 -25.17 40.01
N SER A 741 16.54 -26.02 38.99
CA SER A 741 17.59 -26.84 38.37
C SER A 741 18.66 -25.95 37.73
N LEU A 742 18.24 -24.97 36.93
CA LEU A 742 19.13 -24.12 36.19
C LEU A 742 20.12 -23.43 37.14
N TYR A 743 19.62 -22.94 38.29
CA TYR A 743 20.47 -22.13 39.15
C TYR A 743 21.16 -22.95 40.26
N CYS A 744 20.54 -24.04 40.73
CA CYS A 744 20.93 -24.67 41.99
C CYS A 744 21.46 -26.10 41.79
N ASP A 745 21.17 -26.71 40.63
CA ASP A 745 21.69 -28.05 40.39
C ASP A 745 23.16 -27.97 39.95
N SER A 746 23.90 -29.09 40.11
CA SER A 746 25.25 -29.18 39.56
C SER A 746 25.27 -28.90 38.06
N LYS A 747 26.32 -28.23 37.56
CA LYS A 747 26.51 -28.09 36.11
C LYS A 747 26.61 -29.45 35.43
N ASN A 748 26.96 -30.50 36.17
CA ASN A 748 27.12 -31.81 35.61
C ASN A 748 25.76 -32.49 35.45
N ASN A 749 24.73 -31.93 36.08
CA ASN A 749 23.51 -32.71 36.27
C ASN A 749 22.86 -32.93 34.90
N GLU A 750 22.44 -34.18 34.64
CA GLU A 750 21.97 -34.56 33.30
C GLU A 750 20.61 -33.91 33.04
N LYS A 751 19.77 -33.86 34.06
CA LYS A 751 18.47 -33.24 33.91
C LYS A 751 18.64 -31.73 33.59
N ARG A 752 19.65 -31.09 34.19
CA ARG A 752 19.90 -29.68 33.86
C ARG A 752 20.33 -29.52 32.38
N GLN A 753 21.27 -30.37 31.93
CA GLN A 753 21.75 -30.33 30.54
C GLN A 753 20.60 -30.53 29.56
N ALA A 754 19.64 -31.41 29.90
CA ALA A 754 18.48 -31.66 29.04
C ALA A 754 17.59 -30.41 28.97
N ILE A 755 17.37 -29.71 30.10
CA ILE A 755 16.69 -28.42 30.07
C ILE A 755 17.43 -27.46 29.15
N GLN A 756 18.77 -27.35 29.29
CA GLN A 756 19.50 -26.42 28.44
C GLN A 756 19.26 -26.70 26.95
N MSE A 757 19.17 -27.98 26.57
CA MSE A 757 18.95 -28.34 25.17
C MSE A 757 17.57 -27.88 24.72
O MSE A 757 17.40 -27.42 23.57
CB MSE A 757 19.13 -29.86 24.92
CG MSE A 757 20.54 -30.35 25.14
SE MSE A 757 21.75 -29.61 23.75
CE MSE A 757 20.88 -30.26 22.05
N VAL A 758 16.58 -27.96 25.62
CA VAL A 758 15.25 -27.49 25.28
C VAL A 758 15.31 -25.96 25.10
N LEU A 759 16.01 -25.28 26.01
CA LEU A 759 16.13 -23.82 25.89
C LEU A 759 16.80 -23.43 24.58
N LEU A 760 17.83 -24.21 24.19
CA LEU A 760 18.51 -23.96 22.92
C LEU A 760 17.57 -24.14 21.74
N ALA A 761 16.73 -25.18 21.77
CA ALA A 761 15.82 -25.39 20.66
C ALA A 761 14.82 -24.24 20.59
N THR A 762 14.34 -23.82 21.77
CA THR A 762 13.36 -22.76 21.87
C THR A 762 13.95 -21.46 21.32
N ALA A 763 15.18 -21.14 21.77
CA ALA A 763 15.81 -19.92 21.27
C ALA A 763 15.95 -19.99 19.74
N SER A 764 16.30 -21.15 19.21
CA SER A 764 16.47 -21.34 17.78
C SER A 764 15.20 -20.99 17.02
N LYS A 765 14.04 -21.49 17.49
CA LYS A 765 12.79 -21.20 16.79
C LYS A 765 12.41 -19.74 16.90
N LEU A 766 12.62 -19.15 18.09
CA LEU A 766 12.35 -17.73 18.23
C LEU A 766 13.18 -16.94 17.23
N CYS A 767 14.47 -17.28 17.08
CA CYS A 767 15.31 -16.56 16.14
C CYS A 767 14.78 -16.74 14.70
N TYR A 768 14.47 -17.98 14.30
CA TYR A 768 13.96 -18.22 12.95
C TYR A 768 12.69 -17.37 12.70
N PHE A 769 11.68 -17.42 13.60
CA PHE A 769 10.42 -16.76 13.27
C PHE A 769 10.50 -15.23 13.39
N LEU A 770 11.36 -14.73 14.28
CA LEU A 770 11.50 -13.29 14.41
C LEU A 770 12.43 -12.66 13.38
N ALA A 771 13.26 -13.46 12.71
CA ALA A 771 14.32 -12.92 11.86
C ALA A 771 13.80 -11.97 10.78
N PRO A 772 12.64 -12.23 10.09
CA PRO A 772 12.13 -11.31 9.08
C PRO A 772 11.74 -9.97 9.68
N ILE A 773 11.33 -9.97 10.96
CA ILE A 773 10.73 -8.77 11.54
C ILE A 773 11.80 -8.00 12.34
N LEU A 774 12.46 -8.66 13.31
CA LEU A 774 13.44 -8.00 14.18
C LEU A 774 14.85 -8.42 13.76
N THR A 775 15.19 -8.11 12.51
CA THR A 775 16.39 -8.71 11.97
C THR A 775 17.64 -8.25 12.74
N HIS A 776 17.73 -6.96 13.02
CA HIS A 776 18.86 -6.44 13.78
C HIS A 776 18.96 -7.19 15.12
N THR A 777 17.82 -7.32 15.82
CA THR A 777 17.82 -7.94 17.17
C THR A 777 18.27 -9.39 17.12
N ILE A 778 17.84 -10.14 16.11
CA ILE A 778 18.24 -11.55 16.01
C ILE A 778 19.69 -11.65 15.56
N GLU A 779 20.13 -10.74 14.66
CA GLU A 779 21.57 -10.66 14.40
C GLU A 779 22.36 -10.50 15.72
N GLU A 780 21.87 -9.62 16.59
CA GLU A 780 22.54 -9.33 17.86
C GLU A 780 22.50 -10.57 18.77
N VAL A 781 21.35 -11.28 18.84
CA VAL A 781 21.29 -12.54 19.58
C VAL A 781 22.43 -13.47 19.16
N LEU A 782 22.56 -13.70 17.84
CA LEU A 782 23.54 -14.69 17.38
C LEU A 782 24.96 -14.22 17.72
N GLU A 783 25.17 -12.92 17.60
CA GLU A 783 26.49 -12.33 17.86
C GLU A 783 26.97 -12.67 19.29
N HIS A 784 26.00 -12.78 20.21
CA HIS A 784 26.30 -12.96 21.61
C HIS A 784 26.23 -14.42 22.04
N SER A 785 25.97 -15.35 21.13
CA SER A 785 25.76 -16.71 21.64
C SER A 785 26.49 -17.74 20.78
N GLN A 786 27.66 -18.19 21.23
CA GLN A 786 28.42 -19.18 20.49
C GLN A 786 27.64 -20.49 20.41
N ALA A 787 26.95 -20.83 21.51
CA ALA A 787 26.19 -22.09 21.50
C ALA A 787 25.11 -22.05 20.40
N LEU A 788 24.43 -20.91 20.22
CA LEU A 788 23.42 -20.86 19.17
C LEU A 788 24.08 -20.96 17.79
N ARG A 789 25.20 -20.27 17.61
CA ARG A 789 25.84 -20.28 16.27
C ARG A 789 26.27 -21.72 15.91
N ILE A 790 26.86 -22.45 16.85
CA ILE A 790 27.26 -23.82 16.56
C ILE A 790 26.03 -24.70 16.33
N PHE A 791 25.05 -24.63 17.23
CA PHE A 791 23.82 -25.43 17.07
C PHE A 791 23.13 -25.16 15.73
N LEU A 792 23.13 -23.91 15.26
CA LEU A 792 22.40 -23.61 14.02
C LEU A 792 23.31 -23.62 12.80
N GLN A 793 24.62 -23.87 13.01
CA GLN A 793 25.63 -23.79 11.96
C GLN A 793 25.51 -22.45 11.23
N ALA A 794 25.46 -21.35 12.00
CA ALA A 794 25.23 -20.03 11.42
C ALA A 794 26.30 -19.05 11.88
N LYS A 795 26.96 -18.37 10.94
CA LYS A 795 27.90 -17.31 11.25
C LYS A 795 27.14 -16.07 11.71
N ASP A 796 25.91 -15.92 11.21
CA ASP A 796 25.14 -14.69 11.38
C ASP A 796 23.69 -14.96 10.94
N VAL A 797 22.86 -13.92 10.96
CA VAL A 797 21.43 -14.11 10.80
C VAL A 797 21.12 -14.67 9.42
N PHE A 798 22.00 -14.39 8.43
CA PHE A 798 21.70 -14.80 7.07
C PHE A 798 21.86 -16.32 6.87
N ASP A 799 22.45 -17.00 7.87
CA ASP A 799 22.66 -18.45 7.80
C ASP A 799 21.53 -19.20 8.47
N LEU A 800 20.50 -18.51 8.96
CA LEU A 800 19.39 -19.21 9.61
C LEU A 800 18.62 -20.06 8.61
N LYS A 801 18.09 -21.20 9.06
CA LYS A 801 17.20 -22.08 8.31
C LYS A 801 16.11 -22.63 9.25
N ASP A 802 15.04 -23.19 8.70
CA ASP A 802 14.04 -23.78 9.58
C ASP A 802 14.56 -25.15 10.02
N ILE A 803 15.00 -25.29 11.26
CA ILE A 803 15.64 -26.54 11.70
C ILE A 803 14.61 -27.57 12.15
N SER A 804 15.01 -28.84 12.10
CA SER A 804 14.21 -29.94 12.62
C SER A 804 14.66 -30.24 14.05
N VAL A 805 13.86 -29.82 15.02
CA VAL A 805 14.24 -30.01 16.42
C VAL A 805 14.35 -31.51 16.68
N SER A 806 13.44 -32.31 16.09
CA SER A 806 13.52 -33.77 16.21
C SER A 806 14.91 -34.28 15.85
N GLU A 807 15.39 -33.91 14.66
CA GLU A 807 16.71 -34.39 14.25
C GLU A 807 17.80 -33.81 15.13
N LYS A 808 17.72 -32.51 15.45
CA LYS A 808 18.82 -31.90 16.19
C LYS A 808 18.90 -32.39 17.62
N LEU A 809 17.76 -32.80 18.20
CA LEU A 809 17.74 -33.29 19.58
C LEU A 809 17.74 -34.82 19.64
N HIS A 810 17.79 -35.47 18.48
CA HIS A 810 17.82 -36.94 18.42
C HIS A 810 16.56 -37.56 19.04
N LEU A 811 15.37 -37.03 18.76
CA LEU A 811 14.13 -37.54 19.34
C LEU A 811 13.70 -38.81 18.60
N LYS A 812 13.02 -39.72 19.29
CA LYS A 812 12.55 -40.98 18.74
C LYS A 812 11.26 -40.77 17.95
N GLU A 813 11.19 -41.37 16.76
CA GLU A 813 10.06 -41.17 15.86
C GLU A 813 8.73 -41.67 16.46
N PHE A 814 8.74 -42.66 17.36
CA PHE A 814 7.42 -43.17 17.72
C PHE A 814 6.90 -42.61 19.04
N LYS A 815 7.67 -41.72 19.67
CA LYS A 815 7.41 -41.22 21.02
C LYS A 815 5.97 -40.72 21.11
N LYS A 816 5.21 -41.21 22.09
CA LYS A 816 3.84 -40.78 22.22
C LYS A 816 3.78 -39.42 22.93
N PRO A 817 3.03 -38.43 22.37
CA PRO A 817 2.98 -37.07 22.89
C PRO A 817 2.54 -37.09 24.35
N GLU A 818 3.00 -36.13 25.15
CA GLU A 818 2.50 -35.97 26.52
C GLU A 818 1.06 -35.50 26.46
N ASN A 819 0.32 -35.77 27.55
CA ASN A 819 -1.00 -35.19 27.76
C ASN A 819 -1.04 -34.56 29.16
N PHE A 820 -1.00 -33.23 29.23
CA PHE A 820 -0.90 -32.49 30.48
C PHE A 820 -2.24 -31.88 30.90
N GLU A 821 -3.35 -32.30 30.27
CA GLU A 821 -4.64 -31.67 30.58
C GLU A 821 -4.98 -31.78 32.07
N ALA A 822 -4.86 -32.98 32.63
CA ALA A 822 -5.22 -33.25 34.02
C ALA A 822 -4.33 -32.44 34.98
N VAL A 823 -3.01 -32.55 34.77
CA VAL A 823 -2.06 -31.88 35.66
C VAL A 823 -2.17 -30.36 35.55
N LEU A 824 -2.48 -29.83 34.35
CA LEU A 824 -2.61 -28.39 34.18
C LEU A 824 -3.89 -27.88 34.82
N ALA A 825 -4.95 -28.70 34.78
CA ALA A 825 -6.20 -28.38 35.46
C ALA A 825 -5.98 -28.32 36.98
N LEU A 826 -5.20 -29.27 37.49
CA LEU A 826 -4.87 -29.28 38.92
C LEU A 826 -4.06 -28.02 39.30
N ARG A 827 -3.14 -27.66 38.40
CA ARG A 827 -2.29 -26.49 38.64
C ARG A 827 -3.16 -25.25 38.75
N SER A 828 -4.10 -25.11 37.82
CA SER A 828 -4.98 -23.97 37.79
C SER A 828 -5.82 -23.88 39.08
N ALA A 829 -6.34 -25.03 39.53
CA ALA A 829 -7.19 -25.10 40.72
C ALA A 829 -6.35 -24.78 41.96
N PHE A 830 -5.10 -25.30 42.00
CA PHE A 830 -4.21 -25.03 43.11
C PHE A 830 -3.85 -23.56 43.16
N ASN A 831 -3.57 -22.96 41.99
CA ASN A 831 -3.19 -21.55 42.00
C ASN A 831 -4.33 -20.67 42.47
N GLU A 832 -5.56 -21.08 42.13
CA GLU A 832 -6.75 -20.38 42.61
C GLU A 832 -6.82 -20.47 44.14
N GLU A 833 -6.63 -21.67 44.68
CA GLU A 833 -6.65 -21.88 46.13
C GLU A 833 -5.52 -21.08 46.81
N LEU A 834 -4.32 -21.12 46.22
CA LEU A 834 -3.16 -20.47 46.80
C LEU A 834 -3.37 -18.95 46.84
N ASP A 835 -3.95 -18.41 45.76
CA ASP A 835 -4.28 -16.99 45.65
C ASP A 835 -5.12 -16.53 46.85
N ARG A 836 -6.10 -17.36 47.23
CA ARG A 836 -7.04 -17.10 48.31
C ARG A 836 -6.31 -17.10 49.65
N LEU A 837 -5.44 -18.08 49.84
CA LEU A 837 -4.64 -18.19 51.05
C LEU A 837 -3.68 -17.00 51.18
N LYS A 838 -3.14 -16.50 50.06
CA LYS A 838 -2.19 -15.40 50.10
C LYS A 838 -2.89 -14.14 50.62
N LYS A 839 -4.12 -13.92 50.13
CA LYS A 839 -4.98 -12.83 50.52
C LYS A 839 -5.23 -12.87 52.03
N GLU A 840 -5.44 -14.07 52.57
CA GLU A 840 -5.71 -14.25 53.98
C GLU A 840 -4.43 -14.11 54.81
N GLY A 841 -3.28 -13.93 54.16
CA GLY A 841 -2.02 -13.82 54.87
C GLY A 841 -1.52 -15.14 55.45
N VAL A 842 -2.17 -16.26 55.06
CA VAL A 842 -1.88 -17.61 55.56
C VAL A 842 -0.50 -18.09 55.10
N ILE A 843 -0.17 -17.87 53.80
CA ILE A 843 1.14 -18.22 53.29
C ILE A 843 1.52 -17.14 52.29
N LYS A 844 2.80 -17.13 51.88
CA LYS A 844 3.22 -16.11 50.93
C LYS A 844 3.58 -16.73 49.59
N ASN A 845 3.84 -18.05 49.58
CA ASN A 845 4.45 -18.66 48.41
C ASN A 845 3.97 -20.10 48.28
N SER A 846 3.93 -20.62 47.05
CA SER A 846 3.54 -21.99 46.84
C SER A 846 4.57 -22.92 47.49
N LEU A 847 5.83 -22.46 47.53
CA LEU A 847 6.91 -23.35 47.95
C LEU A 847 6.76 -23.67 49.45
N GLU A 848 6.00 -22.84 50.16
CA GLU A 848 5.70 -23.05 51.58
C GLU A 848 4.73 -24.20 51.77
N CYS A 849 4.16 -24.75 50.69
CA CYS A 849 3.05 -25.70 50.83
C CYS A 849 3.46 -27.11 50.50
N ALA A 850 2.69 -28.05 51.07
CA ALA A 850 2.65 -29.45 50.70
C ALA A 850 1.27 -29.72 50.10
N ILE A 851 1.21 -30.63 49.12
CA ILE A 851 -0.09 -30.95 48.54
C ILE A 851 -0.25 -32.47 48.57
N GLU A 852 -1.44 -32.94 48.99
CA GLU A 852 -1.77 -34.34 48.86
C GLU A 852 -2.86 -34.44 47.80
N VAL A 853 -2.55 -35.07 46.66
CA VAL A 853 -3.48 -35.02 45.55
C VAL A 853 -4.41 -36.23 45.67
N LYS A 854 -5.72 -35.99 45.44
CA LYS A 854 -6.68 -37.07 45.60
C LYS A 854 -6.59 -38.05 44.42
N GLU A 855 -6.35 -37.52 43.21
CA GLU A 855 -6.18 -38.32 42.00
C GLU A 855 -4.77 -38.91 41.93
N LYS A 856 -4.64 -40.19 42.31
CA LYS A 856 -3.33 -40.82 42.43
C LYS A 856 -2.75 -41.16 41.06
N ALA A 857 -3.53 -41.01 40.00
CA ALA A 857 -3.06 -41.28 38.64
C ALA A 857 -1.87 -40.38 38.27
N LEU A 858 -1.83 -39.15 38.80
CA LEU A 858 -0.91 -38.09 38.38
C LEU A 858 0.53 -38.41 38.82
N ASP A 859 1.51 -38.06 37.98
CA ASP A 859 2.95 -38.14 38.25
C ASP A 859 3.30 -37.12 39.32
N GLU A 860 3.86 -37.59 40.44
CA GLU A 860 4.06 -36.72 41.60
C GLU A 860 5.24 -35.76 41.40
N ASN A 861 6.28 -36.17 40.67
CA ASN A 861 7.37 -35.25 40.39
C ASN A 861 6.82 -34.10 39.55
N LEU A 862 6.01 -34.42 38.54
CA LEU A 862 5.42 -33.43 37.65
C LEU A 862 4.56 -32.44 38.43
N VAL A 863 3.71 -32.97 39.35
CA VAL A 863 2.86 -32.11 40.17
C VAL A 863 3.73 -31.10 40.92
N GLU A 864 4.82 -31.60 41.50
CA GLU A 864 5.72 -30.71 42.23
C GLU A 864 6.25 -29.59 41.34
N GLU A 865 6.72 -29.95 40.12
CA GLU A 865 7.24 -28.96 39.18
C GLU A 865 6.20 -27.95 38.72
N LEU A 866 5.00 -28.44 38.39
CA LEU A 866 4.02 -27.54 37.81
C LEU A 866 3.37 -26.65 38.87
N LEU A 867 3.28 -27.14 40.12
CA LEU A 867 2.55 -26.36 41.13
C LEU A 867 3.54 -25.53 41.96
N MSE A 868 4.82 -25.93 41.91
CA MSE A 868 5.90 -25.21 42.55
C MSE A 868 5.73 -25.34 44.08
O MSE A 868 5.84 -24.37 44.82
CB MSE A 868 5.84 -23.73 42.12
CG MSE A 868 5.76 -23.50 40.59
SE MSE A 868 7.63 -23.76 40.02
CE MSE A 868 8.69 -22.29 40.91
N VAL A 869 5.39 -26.54 44.52
CA VAL A 869 5.23 -26.81 45.94
C VAL A 869 6.52 -27.45 46.44
N SER A 870 6.71 -27.49 47.77
CA SER A 870 7.96 -28.07 48.21
C SER A 870 7.82 -29.57 48.47
N PHE A 871 6.59 -30.08 48.50
CA PHE A 871 6.36 -31.44 48.91
C PHE A 871 5.02 -31.96 48.39
N VAL A 872 5.02 -33.20 47.88
CA VAL A 872 3.78 -33.84 47.48
C VAL A 872 3.52 -35.03 48.41
N GLY A 873 2.41 -34.99 49.16
CA GLY A 873 2.13 -35.98 50.20
C GLY A 873 1.45 -35.33 51.40
N ILE A 874 1.25 -36.11 52.47
CA ILE A 874 0.48 -35.69 53.62
C ILE A 874 1.42 -34.97 54.57
N ALA A 875 0.99 -33.87 55.19
CA ALA A 875 1.81 -33.28 56.25
C ALA A 875 0.94 -33.10 57.50
N LYS A 876 1.34 -32.19 58.42
CA LYS A 876 0.67 -32.08 59.72
C LYS A 876 -0.29 -30.89 59.76
N GLU A 877 0.14 -29.69 59.34
CA GLU A 877 -0.72 -28.53 59.52
C GLU A 877 -1.58 -28.31 58.27
N LYS A 878 -2.89 -28.60 58.36
CA LYS A 878 -3.76 -28.47 57.20
C LYS A 878 -4.08 -27.00 56.96
N LEU A 879 -4.00 -26.53 55.72
CA LEU A 879 -4.32 -25.14 55.43
C LEU A 879 -5.71 -25.01 54.79
N SER A 880 -6.08 -26.01 53.99
CA SER A 880 -7.35 -26.03 53.29
C SER A 880 -7.52 -27.38 52.58
N GLU A 881 -8.74 -27.63 52.07
CA GLU A 881 -9.06 -28.86 51.38
C GLU A 881 -10.09 -28.58 50.30
N THR A 882 -10.03 -29.41 49.25
CA THR A 882 -10.95 -29.31 48.13
C THR A 882 -11.25 -30.73 47.68
N PRO A 883 -12.21 -30.96 46.76
CA PRO A 883 -12.46 -32.31 46.24
C PRO A 883 -11.21 -32.92 45.58
N ALA A 884 -10.27 -32.06 45.13
CA ALA A 884 -9.10 -32.49 44.37
C ALA A 884 -7.89 -32.75 45.28
N PHE A 885 -7.75 -31.99 46.37
CA PHE A 885 -6.49 -32.02 47.10
C PHE A 885 -6.60 -31.36 48.47
N THR A 886 -5.60 -31.67 49.32
CA THR A 886 -5.46 -31.03 50.60
C THR A 886 -4.12 -30.29 50.61
N LEU A 887 -4.08 -29.07 51.14
CA LEU A 887 -2.85 -28.29 51.24
C LEU A 887 -2.44 -28.24 52.70
N PHE A 888 -1.14 -28.35 52.95
CA PHE A 888 -0.61 -28.27 54.31
C PHE A 888 0.60 -27.36 54.27
N LYS A 889 1.07 -26.93 55.45
CA LYS A 889 2.39 -26.29 55.53
C LYS A 889 3.45 -27.36 55.25
N ALA A 890 4.42 -27.02 54.41
CA ALA A 890 5.50 -27.97 54.19
C ALA A 890 6.20 -28.25 55.53
N PRO A 891 6.44 -29.55 55.87
CA PRO A 891 7.09 -29.94 57.12
C PRO A 891 8.62 -29.98 57.00
N PHE A 892 9.19 -28.83 56.64
CA PHE A 892 10.63 -28.64 56.45
C PHE A 892 10.96 -27.18 56.69
N TYR A 893 12.27 -26.89 56.88
CA TYR A 893 12.75 -25.53 56.92
C TYR A 893 13.07 -25.04 55.51
N LYS A 894 13.10 -23.72 55.32
CA LYS A 894 13.53 -23.11 54.06
C LYS A 894 15.04 -23.31 53.89
N CYS A 895 15.46 -23.90 52.76
CA CYS A 895 16.89 -24.05 52.50
C CYS A 895 17.53 -22.69 52.25
N PRO A 896 18.67 -22.34 52.91
CA PRO A 896 19.26 -21.00 52.77
C PRO A 896 19.83 -20.79 51.37
N ARG A 897 20.05 -21.87 50.63
CA ARG A 897 20.65 -21.79 49.30
C ARG A 897 19.59 -21.71 48.20
N CYS A 898 18.69 -22.70 48.12
CA CYS A 898 17.74 -22.74 47.01
C CYS A 898 16.37 -22.13 47.36
N TRP A 899 16.16 -21.81 48.65
CA TRP A 899 14.90 -21.26 49.15
C TRP A 899 13.68 -22.18 48.99
N ARG A 900 13.88 -23.46 48.73
CA ARG A 900 12.77 -24.41 48.75
C ARG A 900 12.64 -24.92 50.20
N PHE A 901 11.40 -25.30 50.58
CA PHE A 901 11.21 -25.87 51.90
C PHE A 901 11.55 -27.35 51.88
N LYS A 902 12.86 -27.68 51.93
CA LYS A 902 13.27 -29.07 51.84
C LYS A 902 14.35 -29.38 52.88
N SER A 903 14.65 -28.45 53.78
CA SER A 903 15.72 -28.65 54.77
C SER A 903 15.17 -29.20 56.09
N GLU A 904 15.84 -30.21 56.64
CA GLU A 904 15.54 -30.84 57.91
C GLU A 904 15.96 -29.94 59.07
N LEU A 905 16.90 -29.02 58.85
CA LEU A 905 17.43 -28.20 59.93
C LEU A 905 17.38 -26.74 59.56
N GLU A 906 17.22 -25.87 60.57
CA GLU A 906 17.10 -24.44 60.31
C GLU A 906 18.41 -23.92 59.68
N ASN A 907 18.29 -23.00 58.72
CA ASN A 907 19.43 -22.31 58.15
C ASN A 907 20.50 -23.31 57.69
N THR A 908 20.09 -24.46 57.15
CA THR A 908 21.04 -25.46 56.76
C THR A 908 20.69 -25.97 55.36
N PRO A 909 21.68 -26.03 54.42
CA PRO A 909 21.42 -26.48 53.05
C PRO A 909 20.67 -27.81 53.00
N CYS A 910 19.69 -27.90 52.10
CA CYS A 910 18.99 -29.15 51.86
C CYS A 910 19.94 -30.20 51.27
N LYS A 911 19.48 -31.45 51.25
CA LYS A 911 20.32 -32.55 50.80
C LYS A 911 20.93 -32.26 49.41
N ARG A 912 20.10 -31.87 48.44
CA ARG A 912 20.59 -31.59 47.10
C ARG A 912 21.67 -30.52 47.18
N CYS A 913 21.38 -29.43 47.91
CA CYS A 913 22.30 -28.30 47.93
C CYS A 913 23.61 -28.67 48.63
N GLU A 914 23.51 -29.54 49.66
CA GLU A 914 24.70 -29.94 50.40
C GLU A 914 25.68 -30.63 49.44
N GLN A 915 25.14 -31.53 48.63
CA GLN A 915 25.91 -32.31 47.66
C GLN A 915 26.54 -31.40 46.61
N VAL A 916 25.78 -30.42 46.09
CA VAL A 916 26.35 -29.53 45.08
C VAL A 916 27.48 -28.69 45.67
N LEU A 917 27.31 -28.25 46.92
CA LEU A 917 28.28 -27.40 47.59
C LEU A 917 29.58 -28.18 47.82
N LYS A 918 29.49 -29.49 48.02
CA LYS A 918 30.64 -30.31 48.37
C LYS A 918 31.36 -30.78 47.12
N GLU A 919 30.72 -30.59 45.96
CA GLU A 919 31.20 -31.11 44.70
C GLU A 919 32.68 -30.83 44.51
N ARG A 920 33.37 -31.90 44.10
CA ARG A 920 34.76 -31.86 43.68
C ARG A 920 34.81 -31.84 42.15
C1 GOL B . -24.34 19.24 -13.18
O1 GOL B . -23.69 19.66 -11.99
C2 GOL B . -25.09 20.38 -13.81
O2 GOL B . -24.21 21.32 -14.45
C3 GOL B . -26.25 19.93 -14.69
O3 GOL B . -25.80 19.58 -16.00
C1 GOL C . -16.83 24.12 -10.00
O1 GOL C . -17.12 23.84 -8.62
C2 GOL C . -18.07 24.25 -10.85
O2 GOL C . -19.01 23.25 -10.50
C3 GOL C . -18.79 25.57 -10.63
O3 GOL C . -18.44 26.47 -11.64
C1 GOL D . 19.62 -30.41 56.50
O1 GOL D . 18.92 -29.19 56.39
C2 GOL D . 19.40 -31.29 55.30
O2 GOL D . 18.02 -31.66 55.10
C3 GOL D . 20.26 -32.54 55.42
O3 GOL D . 19.93 -33.49 54.42
C1 GOL E . -3.83 0.45 16.51
O1 GOL E . -5.21 0.10 16.38
C2 GOL E . -3.23 0.76 15.16
O2 GOL E . -3.85 1.89 14.55
C3 GOL E . -1.72 0.90 15.15
O3 GOL E . -1.25 1.89 16.06
C1 GOL F . 3.55 3.41 -7.73
O1 GOL F . 4.34 4.11 -8.69
C2 GOL F . 4.08 3.63 -6.34
O2 GOL F . 4.08 5.03 -6.05
C3 GOL F . 3.34 2.81 -5.32
O3 GOL F . 2.25 3.52 -4.73
ZN ZN G . 18.55 -26.31 48.85
C ACT H . -3.21 -8.41 8.82
O ACT H . -3.54 -7.24 8.48
OXT ACT H . -2.43 -8.66 9.75
CH3 ACT H . -3.84 -9.60 8.15
#